data_9RSJ
#
_entry.id   9RSJ
#
_cell.length_a   1.00
_cell.length_b   1.00
_cell.length_c   1.00
_cell.angle_alpha   90.00
_cell.angle_beta   90.00
_cell.angle_gamma   90.00
#
_symmetry.space_group_name_H-M   'P 1'
#
loop_
_entity.id
_entity.type
_entity.pdbx_description
1 polymer 'Multidrug resistance protein NorM'
2 polymer 'NabFab HC'
3 polymer 'NabFab LC'
4 polymer NorM-Nb17_4
5 polymer 'Anti-Fab nanobody'
6 non-polymer DOXORUBICIN
#
loop_
_entity_poly.entity_id
_entity_poly.type
_entity_poly.pdbx_seq_one_letter_code
_entity_poly.pdbx_strand_id
1 'polypeptide(L)'
;MENSVHRYKKEASNLIKLATPVLIASVAQTGMGFVDTIMAGGVSAIDMAAVSIAASIWLPSILFGVGLLMALVPVVAQLN
GAGRQHKIPFEVHQGLILALLVSVPIIAVLFQTQFIIRFMDVEEAMATKTVGYMHAVIFAVPAYLLFQALRSFTDGMSLT
KPAMVIGFIGLLLNIPLNWIFVYGKFGAPELGGVGCGVATAIVYWIMLLLLLFYIVTSKRLAHVKVFETFHKPQPKELIR
LFRLGFPVAAALFFEVTLFAVVALLVAPLGSTVVAAHQVALNFSSLVFMFPMSIGAAVSIRVGHKLGEQDTKGAAIAANV
GLMTGLATACITALLTVLFREQIALLYTENQVVVALAMQLLLFAAIYQCMDAVQVVAAGSLRGYKDMTAIFHRTFISYWV
LGLPTGYILGMTNWLTEQPLGAKGFWLGFIIGLSAAALMLGQRLYWLQKQSDDVQLHLAAK
;
A
2 'polypeptide(L)'
;EISEVQLVESGGGLVQPGGSLRLSCAASGFNFSYYSIHWVRQAPGKGLEWVAYISSSSSYTSYADSVKGRFTISADTSKN
TAYLQMNSLRAEDTAVYYCARGYQYWQYHASWYWNGGLDYWGQGTLVTVSSASTKGPSVFPLAPSSKSTSGGTAALGCLV
KDYFPEPVTVSWNSGALTSGVHTFPAVLQSSGLYSLSSVVTVPSSSLGTQTYICNVNHKPSNTKVDKKVEPKSCDKTHT
;
H
3 'polypeptide(L)'
;SDIQMTQSPSSLSASVGDRVTITCRASQSVSSAVAWYQQKPGKAPKLLIYSASSLYSGVPSRFSGSRSGTDFTLTISSLQ
PEDFATYYCQQSSSSLITFGQGTKVEIKRTVAAPSVFIFPPSDSQLKSGTASVVCLLNNFYPREAKVQWKVDNALQSGNS
QESVTEQDSKDSTYSLSSTLTLSKADYEKHKVYACEVTHQGLSSPVTKSFNRGEC
;
L
4 'polypeptide(L)'
;QRQLVESGGGLVQPGGSLRLSCAASGIIFKINDMGWFRQAPGKEREGVAGITSGGRTNYADSVKGRFIISRDNVKNTVYL
QMNSLEPEDTAVYYCKSDGLISYAASQLSTYWGKGTPVTVSSHHHHHHEPEA
;
N
5 'polypeptide(L)'
;GSQVQLQESGGGLVQPGGSLRLSCAASGRTISRYAMSWFRQAPGKEREFVAVARRSGDGAFYADSVQGRFTVSRDDAKNT
VYLQMNSLKPEDTAVYYCAIDSDTFYSGSYDYWGQGTQVTVSS
;
K
#
# COMPACT_ATOMS: atom_id res chain seq x y z
N SER A 4 67.11 25.74 7.53
CA SER A 4 67.72 27.04 7.24
C SER A 4 66.85 28.18 7.75
N VAL A 5 65.55 28.06 7.53
CA VAL A 5 64.55 29.02 8.02
C VAL A 5 64.78 30.39 7.38
N HIS A 6 65.86 31.06 7.77
CA HIS A 6 66.12 32.43 7.34
C HIS A 6 64.91 33.33 7.56
N ARG A 7 64.15 33.59 6.49
CA ARG A 7 62.96 34.42 6.56
C ARG A 7 61.68 33.61 6.58
N TYR A 8 61.75 32.30 6.42
CA TYR A 8 60.55 31.47 6.34
C TYR A 8 59.79 31.45 7.65
N LYS A 9 60.49 31.36 8.78
CA LYS A 9 59.80 31.39 10.07
C LYS A 9 59.18 32.75 10.33
N LYS A 10 59.89 33.83 9.98
CA LYS A 10 59.34 35.17 10.15
C LYS A 10 58.09 35.37 9.33
N GLU A 11 58.10 34.90 8.08
CA GLU A 11 56.93 35.04 7.23
C GLU A 11 55.79 34.12 7.69
N ALA A 12 56.13 32.94 8.20
CA ALA A 12 55.10 32.03 8.68
C ALA A 12 54.37 32.61 9.88
N SER A 13 55.10 33.21 10.82
CA SER A 13 54.46 33.78 12.00
C SER A 13 53.58 34.96 11.62
N ASN A 14 54.04 35.80 10.71
CA ASN A 14 53.21 36.90 10.22
C ASN A 14 52.02 36.43 9.41
N LEU A 15 52.01 35.15 9.00
CA LEU A 15 50.90 34.60 8.24
C LEU A 15 49.91 33.84 9.10
N ILE A 16 50.36 33.25 10.22
CA ILE A 16 49.42 32.64 11.16
C ILE A 16 48.51 33.71 11.75
N LYS A 17 49.11 34.80 12.22
CA LYS A 17 48.36 36.02 12.45
C LYS A 17 47.99 36.62 11.10
N LEU A 18 46.93 37.43 11.09
CA LEU A 18 46.32 38.00 9.88
C LEU A 18 45.53 36.95 9.12
N ALA A 19 45.64 35.68 9.52
CA ALA A 19 44.83 34.62 8.96
C ALA A 19 43.96 33.93 10.00
N THR A 20 44.39 33.87 11.25
CA THR A 20 43.48 33.41 12.31
C THR A 20 42.24 34.27 12.43
N PRO A 21 42.33 35.61 12.43
CA PRO A 21 41.09 36.42 12.44
C PRO A 21 40.18 36.13 11.25
N VAL A 22 40.75 35.87 10.08
CA VAL A 22 39.93 35.53 8.92
C VAL A 22 39.20 34.21 9.16
N LEU A 23 39.88 33.24 9.77
CA LEU A 23 39.24 31.99 10.11
C LEU A 23 38.08 32.18 11.07
N ILE A 24 38.27 33.02 12.09
CA ILE A 24 37.19 33.27 13.05
C ILE A 24 36.02 33.96 12.35
N ALA A 25 36.30 34.90 11.45
CA ALA A 25 35.23 35.57 10.72
C ALA A 25 34.45 34.58 9.86
N SER A 26 35.15 33.67 9.19
CA SER A 26 34.48 32.70 8.34
C SER A 26 33.63 31.72 9.15
N VAL A 27 34.14 31.27 10.30
CA VAL A 27 33.32 30.38 11.12
C VAL A 27 32.10 31.11 11.64
N ALA A 28 32.23 32.40 11.95
CA ALA A 28 31.06 33.18 12.34
C ALA A 28 30.05 33.27 11.19
N GLN A 29 30.54 33.48 9.97
CA GLN A 29 29.63 33.59 8.83
C GLN A 29 28.86 32.30 8.60
N THR A 30 29.54 31.15 8.71
CA THR A 30 28.83 29.88 8.54
C THR A 30 27.89 29.62 9.70
N GLY A 31 28.30 29.96 10.92
CA GLY A 31 27.43 29.80 12.06
C GLY A 31 26.18 30.65 11.96
N MET A 32 26.24 31.76 11.23
CA MET A 32 25.06 32.60 11.08
C MET A 32 23.94 31.86 10.37
N GLY A 33 24.26 31.02 9.40
CA GLY A 33 23.25 30.21 8.74
C GLY A 33 22.92 28.94 9.52
N PHE A 34 23.94 28.38 10.16
CA PHE A 34 23.70 27.21 11.02
C PHE A 34 22.68 27.54 12.11
N VAL A 35 22.81 28.69 12.74
CA VAL A 35 21.88 29.10 13.79
C VAL A 35 20.46 29.20 13.23
N ASP A 36 20.32 29.81 12.04
CA ASP A 36 19.00 29.92 11.43
C ASP A 36 18.37 28.55 11.22
N THR A 37 19.16 27.58 10.73
CA THR A 37 18.60 26.24 10.53
C THR A 37 18.27 25.56 11.85
N ILE A 38 19.22 25.56 12.80
CA ILE A 38 19.03 24.84 14.06
C ILE A 38 18.07 25.55 15.00
N MET A 39 17.71 26.81 14.72
CA MET A 39 16.74 27.52 15.53
C MET A 39 15.33 27.52 14.93
N ALA A 40 15.22 27.33 13.61
CA ALA A 40 13.91 27.08 13.01
C ALA A 40 13.45 25.65 13.22
N GLY A 41 14.38 24.72 13.45
CA GLY A 41 14.03 23.35 13.77
C GLY A 41 13.37 23.20 15.12
N GLY A 42 13.39 24.24 15.95
CA GLY A 42 12.65 24.28 17.19
C GLY A 42 11.23 24.79 17.04
N VAL A 43 10.79 25.06 15.81
CA VAL A 43 9.43 25.46 15.53
C VAL A 43 8.68 24.39 14.74
N SER A 44 9.32 23.85 13.70
CA SER A 44 8.76 22.76 12.91
C SER A 44 9.89 22.15 12.09
N ALA A 45 9.57 21.08 11.37
CA ALA A 45 10.48 20.54 10.38
C ALA A 45 10.29 21.18 9.01
N ILE A 46 9.07 21.63 8.72
CA ILE A 46 8.81 22.39 7.51
C ILE A 46 9.63 23.68 7.51
N ASP A 47 9.68 24.36 8.66
CA ASP A 47 10.44 25.60 8.77
C ASP A 47 11.94 25.37 8.76
N MET A 48 12.40 24.16 9.08
CA MET A 48 13.82 23.85 8.96
C MET A 48 14.21 23.51 7.54
N ALA A 49 13.38 22.73 6.85
CA ALA A 49 13.65 22.44 5.44
C ALA A 49 13.51 23.68 4.56
N ALA A 50 12.60 24.59 4.90
CA ALA A 50 12.44 25.80 4.12
C ALA A 50 13.67 26.69 4.19
N VAL A 51 14.19 26.91 5.41
CA VAL A 51 15.34 27.78 5.60
C VAL A 51 16.61 27.03 5.23
N SER A 52 16.51 25.74 4.95
CA SER A 52 17.62 25.02 4.34
C SER A 52 17.64 25.12 2.82
N ILE A 53 16.50 24.98 2.16
CA ILE A 53 16.44 25.16 0.71
C ILE A 53 16.72 26.61 0.32
N ALA A 54 16.19 27.57 1.08
CA ALA A 54 16.46 28.96 0.79
C ALA A 54 17.94 29.28 0.92
N ALA A 55 18.61 28.70 1.90
CA ALA A 55 20.06 28.88 2.02
C ALA A 55 20.79 28.23 0.84
N SER A 56 20.34 27.06 0.41
CA SER A 56 20.96 26.41 -0.75
C SER A 56 20.82 27.24 -2.01
N ILE A 57 19.74 28.02 -2.13
CA ILE A 57 19.61 28.92 -3.27
C ILE A 57 20.30 30.27 -3.05
N TRP A 58 20.50 30.66 -1.79
CA TRP A 58 21.08 31.97 -1.49
C TRP A 58 22.60 31.98 -1.58
N LEU A 59 23.26 30.88 -1.17
CA LEU A 59 24.72 30.87 -1.17
C LEU A 59 25.31 31.05 -2.56
N PRO A 60 24.94 30.27 -3.58
CA PRO A 60 25.57 30.45 -4.90
C PRO A 60 25.34 31.83 -5.49
N SER A 61 24.21 32.46 -5.21
CA SER A 61 23.92 33.77 -5.77
C SER A 61 24.84 34.84 -5.19
N ILE A 62 24.98 34.87 -3.87
CA ILE A 62 25.80 35.90 -3.24
C ILE A 62 27.29 35.62 -3.37
N LEU A 63 27.68 34.36 -3.56
CA LEU A 63 29.09 34.05 -3.76
C LEU A 63 29.65 34.75 -4.98
N PHE A 64 28.80 35.05 -5.97
CA PHE A 64 29.24 35.76 -7.16
C PHE A 64 29.82 37.13 -6.80
N GLY A 65 29.05 37.96 -6.09
CA GLY A 65 29.56 39.25 -5.69
C GLY A 65 30.70 39.16 -4.69
N VAL A 66 30.61 38.19 -3.76
CA VAL A 66 31.69 38.03 -2.79
C VAL A 66 33.01 37.75 -3.49
N GLY A 67 32.99 36.90 -4.52
CA GLY A 67 34.19 36.68 -5.31
C GLY A 67 34.59 37.90 -6.13
N LEU A 68 33.60 38.64 -6.64
CA LEU A 68 33.91 39.81 -7.46
C LEU A 68 34.70 40.86 -6.68
N LEU A 69 34.46 40.98 -5.37
CA LEU A 69 35.20 41.97 -4.57
C LEU A 69 36.59 41.50 -4.14
N MET A 70 36.90 40.22 -4.32
CA MET A 70 38.25 39.76 -4.04
C MET A 70 39.26 40.27 -5.07
N ALA A 71 38.79 40.93 -6.14
CA ALA A 71 39.69 41.71 -6.97
C ALA A 71 40.00 43.06 -6.33
N LEU A 72 39.01 43.63 -5.64
CA LEU A 72 39.25 44.87 -4.90
C LEU A 72 40.28 44.65 -3.80
N VAL A 73 40.30 43.47 -3.21
CA VAL A 73 41.24 43.22 -2.09
C VAL A 73 42.70 43.48 -2.47
N PRO A 74 43.29 42.78 -3.46
CA PRO A 74 44.71 43.00 -3.73
C PRO A 74 45.00 44.33 -4.41
N VAL A 75 44.00 44.99 -4.99
CA VAL A 75 44.23 46.32 -5.54
C VAL A 75 44.61 47.28 -4.43
N VAL A 76 43.83 47.31 -3.35
CA VAL A 76 44.16 48.18 -2.23
C VAL A 76 45.35 47.63 -1.46
N ALA A 77 45.60 46.32 -1.55
CA ALA A 77 46.81 45.78 -0.94
C ALA A 77 48.06 46.33 -1.62
N GLN A 78 48.05 46.38 -2.96
CA GLN A 78 49.24 46.82 -3.70
C GLN A 78 49.54 48.29 -3.48
N LEU A 79 48.51 49.14 -3.51
CA LEU A 79 48.72 50.57 -3.29
C LEU A 79 49.27 50.82 -1.90
N ASN A 80 48.65 50.23 -0.87
CA ASN A 80 49.10 50.43 0.50
C ASN A 80 50.52 49.93 0.70
N GLY A 81 50.92 48.89 -0.05
CA GLY A 81 52.28 48.39 0.08
C GLY A 81 53.32 49.35 -0.48
N ALA A 82 53.05 49.90 -1.66
CA ALA A 82 54.02 50.78 -2.30
C ALA A 82 54.24 52.05 -1.49
N GLY A 83 53.17 52.61 -0.95
CA GLY A 83 53.26 53.86 -0.20
C GLY A 83 52.39 54.93 -0.80
N ARG A 84 51.57 54.55 -1.79
CA ARG A 84 50.66 55.49 -2.42
C ARG A 84 49.67 56.03 -1.41
N GLN A 85 48.78 55.17 -0.92
CA GLN A 85 47.89 55.47 0.20
C GLN A 85 47.12 56.77 0.01
N HIS A 86 47.04 57.28 -1.22
CA HIS A 86 46.27 58.47 -1.52
C HIS A 86 45.33 58.30 -2.70
N LYS A 87 45.45 57.22 -3.47
CA LYS A 87 44.45 56.84 -4.44
C LYS A 87 43.63 55.65 -3.96
N ILE A 88 43.88 55.16 -2.75
CA ILE A 88 43.00 54.13 -2.16
C ILE A 88 41.57 54.63 -1.99
N PRO A 89 41.31 55.84 -1.46
CA PRO A 89 39.91 56.24 -1.28
C PRO A 89 39.09 56.23 -2.55
N PHE A 90 39.67 56.64 -3.68
CA PHE A 90 38.94 56.63 -4.94
C PHE A 90 38.55 55.21 -5.33
N GLU A 91 39.50 54.29 -5.23
CA GLU A 91 39.23 52.89 -5.58
C GLU A 91 38.16 52.30 -4.66
N VAL A 92 38.23 52.62 -3.37
CA VAL A 92 37.25 52.08 -2.42
C VAL A 92 35.86 52.61 -2.73
N HIS A 93 35.74 53.91 -3.02
CA HIS A 93 34.43 54.46 -3.35
C HIS A 93 33.87 53.83 -4.63
N GLN A 94 34.71 53.68 -5.64
CA GLN A 94 34.26 53.05 -6.87
C GLN A 94 33.86 51.60 -6.64
N GLY A 95 34.57 50.89 -5.75
CA GLY A 95 34.17 49.54 -5.42
C GLY A 95 32.84 49.47 -4.69
N LEU A 96 32.58 50.45 -3.82
CA LEU A 96 31.26 50.51 -3.18
C LEU A 96 30.16 50.67 -4.21
N ILE A 97 30.37 51.55 -5.19
CA ILE A 97 29.37 51.71 -6.24
C ILE A 97 29.24 50.45 -7.07
N LEU A 98 30.35 49.74 -7.30
CA LEU A 98 30.29 48.47 -8.03
C LEU A 98 29.48 47.44 -7.27
N ALA A 99 29.62 47.39 -5.95
CA ALA A 99 28.79 46.48 -5.14
C ALA A 99 27.31 46.87 -5.25
N LEU A 100 27.02 48.17 -5.20
CA LEU A 100 25.65 48.63 -5.39
C LEU A 100 25.09 48.16 -6.72
N LEU A 101 25.90 48.20 -7.77
CA LEU A 101 25.41 47.79 -9.09
C LEU A 101 25.24 46.28 -9.19
N VAL A 102 26.22 45.51 -8.70
CA VAL A 102 26.14 44.06 -8.80
C VAL A 102 25.06 43.48 -7.90
N SER A 103 24.57 44.26 -6.94
CA SER A 103 23.46 43.77 -6.13
C SER A 103 22.19 43.56 -6.96
N VAL A 104 22.01 44.33 -8.04
CA VAL A 104 20.75 44.26 -8.80
C VAL A 104 20.54 42.89 -9.44
N PRO A 105 21.49 42.33 -10.22
CA PRO A 105 21.23 41.02 -10.81
C PRO A 105 20.97 39.93 -9.79
N ILE A 106 21.70 39.96 -8.67
CA ILE A 106 21.49 38.96 -7.62
C ILE A 106 20.10 39.11 -7.02
N ILE A 107 19.66 40.36 -6.81
CA ILE A 107 18.31 40.58 -6.27
C ILE A 107 17.27 40.04 -7.24
N ALA A 108 17.44 40.27 -8.55
CA ALA A 108 16.48 39.74 -9.51
C ALA A 108 16.47 38.21 -9.50
N VAL A 109 17.65 37.59 -9.48
CA VAL A 109 17.73 36.13 -9.49
C VAL A 109 17.06 35.55 -8.26
N LEU A 110 17.28 36.16 -7.09
CA LEU A 110 16.60 35.69 -5.89
C LEU A 110 15.11 35.99 -5.94
N PHE A 111 14.71 37.05 -6.65
CA PHE A 111 13.30 37.33 -6.84
C PHE A 111 12.62 36.27 -7.71
N GLN A 112 13.39 35.56 -8.53
CA GLN A 112 12.86 34.44 -9.29
C GLN A 112 12.93 33.12 -8.53
N THR A 113 12.88 33.16 -7.19
CA THR A 113 13.02 31.95 -6.40
C THR A 113 11.82 31.01 -6.57
N GLN A 114 10.61 31.58 -6.65
CA GLN A 114 9.40 30.75 -6.72
C GLN A 114 9.43 29.82 -7.92
N PHE A 115 10.06 30.24 -9.01
CA PHE A 115 10.15 29.39 -10.19
C PHE A 115 11.13 28.25 -9.98
N ILE A 116 12.25 28.53 -9.30
CA ILE A 116 13.27 27.51 -9.10
C ILE A 116 12.78 26.38 -8.21
N ILE A 117 11.90 26.69 -7.25
CA ILE A 117 11.46 25.69 -6.28
C ILE A 117 10.28 24.88 -6.83
N ARG A 118 9.94 25.10 -8.09
CA ARG A 118 8.98 24.23 -8.76
C ARG A 118 9.65 23.05 -9.43
N PHE A 119 10.90 23.22 -9.87
CA PHE A 119 11.65 22.19 -10.56
C PHE A 119 12.37 21.25 -9.61
N MET A 120 11.95 21.20 -8.35
CA MET A 120 12.55 20.30 -7.36
C MET A 120 11.52 19.65 -6.46
N ASP A 121 10.22 19.75 -6.79
CA ASP A 121 9.15 19.05 -6.08
C ASP A 121 9.12 19.45 -4.59
N VAL A 122 8.79 20.72 -4.38
CA VAL A 122 8.65 21.29 -3.05
C VAL A 122 7.17 21.55 -2.81
N GLU A 123 6.62 21.01 -1.73
CA GLU A 123 5.20 21.20 -1.42
C GLU A 123 4.90 22.68 -1.19
N GLU A 124 3.61 23.00 -1.16
CA GLU A 124 3.18 24.40 -1.14
C GLU A 124 3.59 25.11 0.15
N ALA A 125 3.50 24.42 1.29
CA ALA A 125 3.85 25.06 2.56
C ALA A 125 5.34 25.38 2.61
N MET A 126 6.18 24.41 2.26
CA MET A 126 7.61 24.68 2.20
C MET A 126 7.91 25.77 1.17
N ALA A 127 7.17 25.80 0.07
CA ALA A 127 7.41 26.79 -0.97
C ALA A 127 7.10 28.20 -0.47
N THR A 128 5.96 28.37 0.20
CA THR A 128 5.62 29.71 0.70
C THR A 128 6.59 30.15 1.79
N LYS A 129 7.02 29.22 2.66
CA LYS A 129 8.00 29.60 3.67
C LYS A 129 9.35 29.97 3.05
N THR A 130 9.77 29.22 2.03
CA THR A 130 11.03 29.55 1.36
C THR A 130 10.96 30.90 0.66
N VAL A 131 9.82 31.19 0.01
CA VAL A 131 9.66 32.47 -0.66
C VAL A 131 9.67 33.61 0.35
N GLY A 132 9.03 33.40 1.51
CA GLY A 132 9.09 34.42 2.55
C GLY A 132 10.51 34.67 3.03
N TYR A 133 11.27 33.60 3.23
CA TYR A 133 12.66 33.76 3.66
C TYR A 133 13.47 34.55 2.62
N MET A 134 13.30 34.21 1.35
CA MET A 134 14.04 34.90 0.29
C MET A 134 13.66 36.37 0.20
N HIS A 135 12.35 36.66 0.27
CA HIS A 135 11.91 38.05 0.21
C HIS A 135 12.30 38.82 1.47
N ALA A 136 12.66 38.12 2.54
CA ALA A 136 13.22 38.81 3.70
C ALA A 136 14.70 39.12 3.51
N VAL A 137 15.48 38.18 2.97
CA VAL A 137 16.93 38.39 2.85
C VAL A 137 17.31 39.23 1.64
N ILE A 138 16.37 39.48 0.73
CA ILE A 138 16.64 40.39 -0.38
C ILE A 138 17.07 41.76 0.15
N PHE A 139 16.41 42.24 1.20
CA PHE A 139 16.81 43.50 1.81
C PHE A 139 18.21 43.43 2.41
N ALA A 140 18.65 42.24 2.81
CA ALA A 140 19.99 42.10 3.37
C ALA A 140 21.07 42.13 2.30
N VAL A 141 20.75 41.69 1.09
CA VAL A 141 21.73 41.57 0.01
C VAL A 141 22.63 42.80 -0.13
N PRO A 142 22.08 44.01 -0.36
CA PRO A 142 22.97 45.17 -0.58
C PRO A 142 23.87 45.49 0.61
N ALA A 143 23.35 45.34 1.83
CA ALA A 143 24.16 45.58 3.01
C ALA A 143 25.30 44.57 3.10
N TYR A 144 25.02 43.32 2.75
CA TYR A 144 26.09 42.30 2.75
C TYR A 144 27.17 42.66 1.74
N LEU A 145 26.78 43.08 0.54
CA LEU A 145 27.78 43.40 -0.47
C LEU A 145 28.60 44.63 -0.07
N LEU A 146 27.95 45.64 0.50
CA LEU A 146 28.68 46.81 0.96
C LEU A 146 29.63 46.47 2.10
N PHE A 147 29.20 45.63 3.04
CA PHE A 147 30.08 45.19 4.11
C PHE A 147 31.26 44.41 3.54
N GLN A 148 31.02 43.61 2.50
CA GLN A 148 32.10 42.86 1.88
C GLN A 148 33.13 43.79 1.24
N ALA A 149 32.66 44.84 0.55
CA ALA A 149 33.60 45.80 -0.02
C ALA A 149 34.38 46.53 1.07
N LEU A 150 33.70 46.93 2.14
CA LEU A 150 34.37 47.65 3.23
C LEU A 150 35.42 46.76 3.90
N ARG A 151 35.08 45.49 4.14
CA ARG A 151 36.05 44.58 4.73
C ARG A 151 37.18 44.26 3.76
N SER A 152 36.91 44.36 2.45
CA SER A 152 38.00 44.26 1.47
C SER A 152 38.97 45.42 1.63
N PHE A 153 38.46 46.63 1.88
CA PHE A 153 39.35 47.75 2.13
C PHE A 153 40.19 47.53 3.38
N THR A 154 39.55 47.15 4.50
CA THR A 154 40.30 46.97 5.73
C THR A 154 41.25 45.78 5.65
N ASP A 155 40.83 44.70 4.99
CA ASP A 155 41.74 43.56 4.83
C ASP A 155 42.94 43.91 3.96
N GLY A 156 42.72 44.73 2.93
CA GLY A 156 43.82 45.10 2.06
C GLY A 156 44.93 45.84 2.79
N MET A 157 44.58 46.63 3.79
CA MET A 157 45.55 47.30 4.65
C MET A 157 46.08 46.40 5.75
N SER A 158 45.94 45.08 5.59
CA SER A 158 46.43 44.10 6.54
C SER A 158 45.85 44.30 7.94
N LEU A 159 44.55 44.61 8.00
CA LEU A 159 43.83 44.77 9.25
C LEU A 159 42.63 43.83 9.20
N THR A 160 42.84 42.58 9.59
CA THR A 160 41.79 41.57 9.60
C THR A 160 41.09 41.46 10.95
N LYS A 161 41.54 42.19 11.97
CA LYS A 161 40.92 42.10 13.29
C LYS A 161 39.47 42.61 13.30
N PRO A 162 39.15 43.79 12.75
CA PRO A 162 37.77 44.30 12.93
C PRO A 162 36.70 43.38 12.38
N ALA A 163 36.87 42.87 11.16
CA ALA A 163 35.86 42.00 10.57
C ALA A 163 35.60 40.78 11.42
N MET A 164 36.61 40.31 12.17
CA MET A 164 36.38 39.24 13.13
C MET A 164 35.39 39.68 14.20
N VAL A 165 35.67 40.81 14.86
CA VAL A 165 34.83 41.24 15.98
C VAL A 165 33.43 41.54 15.49
N ILE A 166 33.32 42.38 14.45
CA ILE A 166 32.00 42.67 13.87
C ILE A 166 31.36 41.39 13.35
N GLY A 167 32.18 40.41 12.93
CA GLY A 167 31.63 39.12 12.60
C GLY A 167 31.06 38.41 13.81
N PHE A 168 31.85 38.33 14.88
CA PHE A 168 31.41 37.60 16.06
C PHE A 168 30.19 38.27 16.68
N ILE A 169 30.22 39.59 16.81
CA ILE A 169 29.08 40.33 17.33
C ILE A 169 27.85 40.06 16.48
N GLY A 170 28.04 39.82 15.18
CA GLY A 170 26.90 39.43 14.37
C GLY A 170 26.30 38.12 14.82
N LEU A 171 27.14 37.09 14.96
CA LEU A 171 26.64 35.77 15.33
C LEU A 171 25.89 35.81 16.65
N LEU A 172 26.53 36.38 17.68
CA LEU A 172 25.90 36.46 18.99
C LEU A 172 24.70 37.41 19.02
N LEU A 173 24.51 38.23 17.99
CA LEU A 173 23.30 39.03 17.89
C LEU A 173 22.23 38.37 17.04
N ASN A 174 22.55 37.29 16.35
CA ASN A 174 21.53 36.54 15.63
C ASN A 174 20.72 35.67 16.57
N ILE A 175 21.33 35.22 17.68
CA ILE A 175 20.60 34.40 18.64
C ILE A 175 19.41 35.14 19.26
N PRO A 176 19.57 36.36 19.79
CA PRO A 176 18.38 37.03 20.35
C PRO A 176 17.41 37.53 19.31
N LEU A 177 17.91 38.10 18.21
CA LEU A 177 17.01 38.66 17.20
C LEU A 177 16.18 37.59 16.54
N ASN A 178 16.75 36.42 16.29
CA ASN A 178 15.94 35.29 15.83
C ASN A 178 14.83 34.99 16.83
N TRP A 179 15.19 34.87 18.11
CA TRP A 179 14.22 34.52 19.14
C TRP A 179 13.07 35.51 19.18
N ILE A 180 13.36 36.80 19.05
CA ILE A 180 12.33 37.82 19.12
C ILE A 180 11.33 37.66 17.99
N PHE A 181 11.82 37.40 16.77
CA PHE A 181 10.92 37.37 15.62
C PHE A 181 10.29 36.00 15.41
N VAL A 182 11.03 34.91 15.65
CA VAL A 182 10.46 33.59 15.42
C VAL A 182 9.36 33.28 16.43
N TYR A 183 9.52 33.75 17.67
CA TYR A 183 8.57 33.46 18.73
C TYR A 183 7.71 34.66 19.10
N GLY A 184 7.85 35.78 18.41
CA GLY A 184 6.99 36.93 18.61
C GLY A 184 7.09 37.58 19.98
N LYS A 185 8.31 37.83 20.44
CA LYS A 185 8.54 38.43 21.75
C LYS A 185 8.80 39.93 21.61
N PHE A 186 8.75 40.62 22.75
CA PHE A 186 9.11 42.03 22.86
C PHE A 186 8.30 42.92 21.91
N GLY A 187 7.09 42.49 21.58
CA GLY A 187 6.23 43.28 20.71
C GLY A 187 6.43 43.07 19.23
N ALA A 188 7.44 42.29 18.83
CA ALA A 188 7.65 42.00 17.42
C ALA A 188 6.64 40.96 16.94
N PRO A 189 6.31 40.96 15.65
CA PRO A 189 5.33 40.00 15.14
C PRO A 189 5.86 38.58 15.21
N GLU A 190 4.92 37.63 15.31
CA GLU A 190 5.26 36.21 15.35
C GLU A 190 5.42 35.70 13.92
N LEU A 191 6.54 36.09 13.30
CA LEU A 191 6.82 35.66 11.93
C LEU A 191 6.99 34.15 11.85
N GLY A 192 7.67 33.57 12.83
CA GLY A 192 7.91 32.14 12.81
C GLY A 192 9.22 31.79 12.12
N GLY A 193 9.22 30.73 11.31
CA GLY A 193 10.43 30.34 10.62
C GLY A 193 10.93 31.38 9.65
N VAL A 194 10.04 32.24 9.16
CA VAL A 194 10.44 33.35 8.30
C VAL A 194 11.22 34.40 9.07
N GLY A 195 11.04 34.46 10.40
CA GLY A 195 11.72 35.47 11.20
C GLY A 195 13.22 35.35 11.20
N CYS A 196 13.76 34.18 10.86
CA CYS A 196 15.21 34.04 10.78
C CYS A 196 15.78 34.92 9.67
N GLY A 197 15.12 35.00 8.53
CA GLY A 197 15.58 35.88 7.47
C GLY A 197 15.50 37.35 7.84
N VAL A 198 14.39 37.76 8.47
CA VAL A 198 14.23 39.15 8.87
C VAL A 198 15.13 39.53 10.04
N ALA A 199 15.70 38.53 10.74
CA ALA A 199 16.74 38.82 11.71
C ALA A 199 18.13 38.85 11.07
N THR A 200 18.37 38.00 10.07
CA THR A 200 19.64 38.06 9.35
C THR A 200 19.80 39.39 8.62
N ALA A 201 18.71 39.91 8.04
CA ALA A 201 18.79 41.22 7.39
C ALA A 201 19.19 42.31 8.38
N ILE A 202 18.57 42.30 9.56
CA ILE A 202 18.88 43.31 10.56
C ILE A 202 20.32 43.17 11.03
N VAL A 203 20.80 41.94 11.24
CA VAL A 203 22.16 41.78 11.72
C VAL A 203 23.17 42.20 10.64
N TYR A 204 22.85 42.00 9.36
CA TYR A 204 23.77 42.46 8.32
C TYR A 204 23.83 43.97 8.24
N TRP A 205 22.67 44.64 8.34
CA TRP A 205 22.69 46.10 8.36
C TRP A 205 23.43 46.63 9.59
N ILE A 206 23.27 45.96 10.74
CA ILE A 206 23.99 46.37 11.95
C ILE A 206 25.49 46.20 11.76
N MET A 207 25.92 45.09 11.17
CA MET A 207 27.34 44.89 10.93
C MET A 207 27.91 45.94 9.98
N LEU A 208 27.15 46.28 8.93
CA LEU A 208 27.60 47.34 8.02
C LEU A 208 27.74 48.67 8.76
N LEU A 209 26.77 49.02 9.60
CA LEU A 209 26.85 50.26 10.35
C LEU A 209 28.03 50.27 11.30
N LEU A 210 28.30 49.13 11.96
CA LEU A 210 29.43 49.07 12.88
C LEU A 210 30.76 49.20 12.14
N LEU A 211 30.87 48.58 10.96
CA LEU A 211 32.13 48.67 10.22
C LEU A 211 32.34 50.07 9.65
N LEU A 212 31.27 50.74 9.24
CA LEU A 212 31.40 52.14 8.84
C LEU A 212 31.90 53.00 9.98
N PHE A 213 31.39 52.75 11.19
CA PHE A 213 31.82 53.51 12.35
C PHE A 213 33.31 53.33 12.62
N TYR A 214 33.79 52.08 12.55
CA TYR A 214 35.19 51.82 12.86
C TYR A 214 36.12 52.50 11.87
N ILE A 215 35.77 52.49 10.59
CA ILE A 215 36.61 53.11 9.57
C ILE A 215 36.68 54.62 9.77
N VAL A 216 35.57 55.23 10.16
CA VAL A 216 35.53 56.68 10.29
C VAL A 216 36.46 57.16 11.40
N THR A 217 36.34 56.59 12.59
CA THR A 217 37.20 57.02 13.69
C THR A 217 38.54 56.29 13.69
N SER A 218 38.52 54.97 13.87
CA SER A 218 39.71 54.12 13.83
C SER A 218 40.88 54.63 14.66
N LYS A 219 41.48 55.75 14.23
CA LYS A 219 42.76 56.31 14.62
C LYS A 219 43.91 55.56 13.98
N ARG A 220 43.66 54.41 13.33
CA ARG A 220 44.67 53.68 12.58
C ARG A 220 44.57 53.91 11.09
N LEU A 221 43.35 53.91 10.56
CA LEU A 221 43.10 54.21 9.15
C LEU A 221 42.80 55.68 8.92
N ALA A 222 42.95 56.53 9.93
CA ALA A 222 42.64 57.95 9.78
C ALA A 222 43.53 58.63 8.75
N HIS A 223 44.68 58.03 8.41
CA HIS A 223 45.58 58.66 7.47
C HIS A 223 45.06 58.59 6.03
N VAL A 224 44.31 57.53 5.69
CA VAL A 224 43.83 57.41 4.32
C VAL A 224 42.70 58.40 4.04
N LYS A 225 41.87 58.69 5.04
CA LYS A 225 40.74 59.62 4.90
C LYS A 225 39.83 59.20 3.74
N VAL A 226 39.26 58.00 3.86
CA VAL A 226 38.47 57.44 2.78
C VAL A 226 37.19 58.25 2.57
N PHE A 227 36.45 58.50 3.64
CA PHE A 227 35.15 59.17 3.53
C PHE A 227 35.26 60.66 3.83
N GLU A 228 36.00 61.35 2.99
CA GLU A 228 36.08 62.80 3.05
C GLU A 228 35.85 63.46 1.70
N THR A 229 36.35 62.86 0.62
CA THR A 229 36.33 63.48 -0.70
C THR A 229 35.05 63.16 -1.48
N PHE A 230 34.57 61.92 -1.40
CA PHE A 230 33.40 61.46 -2.14
C PHE A 230 33.60 61.64 -3.64
N HIS A 231 34.56 60.88 -4.16
CA HIS A 231 34.90 60.94 -5.58
C HIS A 231 33.71 60.55 -6.44
N LYS A 232 33.53 61.28 -7.54
CA LYS A 232 32.41 61.02 -8.43
C LYS A 232 32.64 59.74 -9.22
N PRO A 233 31.56 59.06 -9.64
CA PRO A 233 31.72 57.81 -10.38
C PRO A 233 32.39 58.01 -11.73
N GLN A 234 33.13 56.99 -12.16
CA GLN A 234 33.81 56.99 -13.45
C GLN A 234 33.65 55.63 -14.14
N PRO A 235 32.89 55.58 -15.24
CA PRO A 235 32.63 54.29 -15.89
C PRO A 235 33.89 53.60 -16.40
N LYS A 236 34.91 54.35 -16.78
CA LYS A 236 36.16 53.73 -17.24
C LYS A 236 36.75 52.85 -16.16
N GLU A 237 36.90 53.39 -14.95
CA GLU A 237 37.41 52.59 -13.84
C GLU A 237 36.42 51.50 -13.45
N LEU A 238 35.12 51.80 -13.49
CA LEU A 238 34.14 50.80 -13.09
C LEU A 238 34.21 49.56 -13.98
N ILE A 239 34.41 49.75 -15.28
CA ILE A 239 34.62 48.62 -16.17
C ILE A 239 35.95 47.94 -15.87
N ARG A 240 36.99 48.73 -15.59
CA ARG A 240 38.30 48.17 -15.29
C ARG A 240 38.24 47.25 -14.08
N LEU A 241 37.53 47.65 -13.04
CA LEU A 241 37.44 46.86 -11.82
C LEU A 241 36.42 45.74 -11.91
N PHE A 242 35.68 45.64 -13.02
CA PHE A 242 34.82 44.49 -13.26
C PHE A 242 35.50 43.41 -14.07
N ARG A 243 36.37 43.79 -15.00
CA ARG A 243 37.18 42.84 -15.75
C ARG A 243 38.28 42.20 -14.90
N LEU A 244 38.58 42.77 -13.74
CA LEU A 244 39.54 42.18 -12.82
C LEU A 244 38.88 41.27 -11.81
N GLY A 245 37.55 41.31 -11.68
CA GLY A 245 36.86 40.53 -10.68
C GLY A 245 35.94 39.47 -11.24
N PHE A 246 35.50 39.63 -12.48
CA PHE A 246 34.62 38.62 -13.08
C PHE A 246 35.26 37.24 -13.18
N PRO A 247 36.53 37.08 -13.59
CA PRO A 247 37.10 35.72 -13.63
C PRO A 247 37.15 35.02 -12.29
N VAL A 248 37.38 35.73 -11.18
CA VAL A 248 37.42 35.10 -9.87
C VAL A 248 36.04 34.96 -9.25
N ALA A 249 34.99 35.40 -9.95
CA ALA A 249 33.62 35.10 -9.57
C ALA A 249 33.03 33.95 -10.38
N ALA A 250 33.43 33.83 -11.64
CA ALA A 250 33.00 32.70 -12.46
C ALA A 250 33.44 31.38 -11.86
N ALA A 251 34.68 31.32 -11.34
CA ALA A 251 35.17 30.08 -10.74
C ALA A 251 34.40 29.72 -9.48
N LEU A 252 34.15 30.71 -8.61
CA LEU A 252 33.39 30.46 -7.39
C LEU A 252 31.94 30.10 -7.69
N PHE A 253 31.41 30.51 -8.84
CA PHE A 253 30.11 30.03 -9.25
C PHE A 253 30.17 28.60 -9.78
N PHE A 254 31.19 28.29 -10.58
CA PHE A 254 31.25 27.00 -11.25
C PHE A 254 31.57 25.87 -10.30
N GLU A 255 32.33 26.12 -9.23
CA GLU A 255 32.59 25.08 -8.25
C GLU A 255 31.28 24.63 -7.57
N VAL A 256 30.49 25.59 -7.12
CA VAL A 256 29.22 25.28 -6.48
C VAL A 256 28.27 24.59 -7.45
N THR A 257 28.25 25.05 -8.70
CA THR A 257 27.39 24.37 -9.68
C THR A 257 27.86 22.95 -9.94
N LEU A 258 29.17 22.70 -9.92
CA LEU A 258 29.68 21.35 -10.08
C LEU A 258 29.16 20.44 -8.98
N PHE A 259 29.20 20.93 -7.73
CA PHE A 259 28.74 20.07 -6.65
C PHE A 259 27.22 19.89 -6.68
N ALA A 260 26.47 20.89 -7.12
CA ALA A 260 25.03 20.70 -7.31
C ALA A 260 24.76 19.64 -8.38
N VAL A 261 25.50 19.67 -9.48
CA VAL A 261 25.32 18.69 -10.55
C VAL A 261 25.67 17.29 -10.05
N VAL A 262 26.74 17.16 -9.26
CA VAL A 262 27.10 15.85 -8.71
C VAL A 262 26.02 15.35 -7.76
N ALA A 263 25.40 16.24 -6.99
CA ALA A 263 24.25 15.84 -6.19
C ALA A 263 23.14 15.32 -7.08
N LEU A 264 22.93 15.96 -8.24
CA LEU A 264 21.92 15.48 -9.18
C LEU A 264 22.26 14.09 -9.70
N LEU A 265 23.54 13.85 -10.06
CA LEU A 265 23.92 12.60 -10.71
C LEU A 265 23.96 11.43 -9.74
N VAL A 266 24.27 11.68 -8.46
CA VAL A 266 24.34 10.60 -7.48
C VAL A 266 22.97 10.25 -6.90
N ALA A 267 21.94 11.02 -7.24
CA ALA A 267 20.60 10.71 -6.76
C ALA A 267 20.08 9.34 -7.18
N PRO A 268 20.27 8.88 -8.43
CA PRO A 268 19.78 7.54 -8.78
C PRO A 268 20.41 6.41 -7.98
N LEU A 269 21.57 6.62 -7.36
CA LEU A 269 22.22 5.56 -6.61
C LEU A 269 21.48 5.15 -5.35
N GLY A 270 20.47 5.91 -4.94
CA GLY A 270 19.64 5.55 -3.82
C GLY A 270 19.30 6.75 -2.98
N SER A 271 18.82 6.48 -1.77
CA SER A 271 18.54 7.53 -0.79
C SER A 271 19.38 7.43 0.46
N THR A 272 19.94 6.26 0.75
CA THR A 272 20.89 6.09 1.85
C THR A 272 22.33 6.35 1.41
N VAL A 273 22.55 6.55 0.11
CA VAL A 273 23.88 6.93 -0.38
C VAL A 273 24.02 8.44 -0.49
N VAL A 274 22.95 9.12 -0.93
CA VAL A 274 23.00 10.57 -1.02
C VAL A 274 23.14 11.20 0.35
N ALA A 275 22.55 10.61 1.39
CA ALA A 275 22.68 11.15 2.74
C ALA A 275 24.13 11.07 3.22
N ALA A 276 24.79 9.94 3.00
CA ALA A 276 26.21 9.83 3.37
C ALA A 276 27.05 10.78 2.54
N HIS A 277 26.72 10.92 1.25
CA HIS A 277 27.44 11.84 0.39
C HIS A 277 27.37 13.27 0.92
N GLN A 278 26.16 13.71 1.30
CA GLN A 278 26.03 15.08 1.75
C GLN A 278 26.62 15.28 3.16
N VAL A 279 26.60 14.25 4.00
CA VAL A 279 27.28 14.35 5.29
C VAL A 279 28.78 14.57 5.08
N ALA A 280 29.38 13.74 4.22
CA ALA A 280 30.82 13.88 3.96
C ALA A 280 31.14 15.22 3.32
N LEU A 281 30.31 15.66 2.36
CA LEU A 281 30.55 16.93 1.71
C LEU A 281 30.42 18.10 2.69
N ASN A 282 29.43 18.05 3.59
CA ASN A 282 29.26 19.13 4.55
C ASN A 282 30.46 19.21 5.50
N PHE A 283 30.98 18.07 5.96
CA PHE A 283 32.17 18.14 6.80
C PHE A 283 33.37 18.67 6.02
N SER A 284 33.53 18.23 4.77
CA SER A 284 34.64 18.72 3.96
C SER A 284 34.53 20.21 3.70
N SER A 285 33.30 20.75 3.71
CA SER A 285 33.13 22.19 3.54
C SER A 285 33.76 23.00 4.67
N LEU A 286 33.64 22.56 5.92
CA LEU A 286 34.29 23.23 7.03
C LEU A 286 35.80 23.01 7.02
N VAL A 287 36.23 21.77 6.77
CA VAL A 287 37.66 21.56 6.66
C VAL A 287 38.24 22.38 5.51
N PHE A 288 37.41 22.75 4.52
CA PHE A 288 37.84 23.71 3.50
C PHE A 288 37.84 25.13 4.02
N MET A 289 36.94 25.46 4.92
CA MET A 289 37.03 26.75 5.59
C MET A 289 38.38 26.95 6.23
N PHE A 290 39.03 25.85 6.63
CA PHE A 290 40.36 25.99 7.24
C PHE A 290 41.42 26.59 6.30
N PRO A 291 41.67 26.04 5.10
CA PRO A 291 42.76 26.61 4.28
C PRO A 291 42.37 27.76 3.38
N MET A 292 41.08 28.05 3.19
CA MET A 292 40.71 29.24 2.43
C MET A 292 41.15 30.50 3.16
N SER A 293 41.23 30.44 4.50
CA SER A 293 41.71 31.57 5.27
C SER A 293 43.19 31.83 5.02
N ILE A 294 43.98 30.75 4.89
CA ILE A 294 45.40 30.91 4.59
C ILE A 294 45.60 31.56 3.22
N GLY A 295 44.79 31.15 2.25
CA GLY A 295 44.94 31.70 0.91
C GLY A 295 44.68 33.19 0.83
N ALA A 296 43.66 33.68 1.55
CA ALA A 296 43.37 35.10 1.56
C ALA A 296 44.52 35.90 2.17
N ALA A 297 45.07 35.40 3.27
CA ALA A 297 46.21 36.08 3.88
C ALA A 297 47.41 36.08 2.95
N VAL A 298 47.64 34.97 2.24
CA VAL A 298 48.75 34.93 1.29
C VAL A 298 48.53 35.92 0.16
N SER A 299 47.29 36.07 -0.31
CA SER A 299 47.01 37.06 -1.34
C SER A 299 47.33 38.46 -0.84
N ILE A 300 46.93 38.76 0.39
CA ILE A 300 47.23 40.08 0.97
C ILE A 300 48.74 40.29 1.04
N ARG A 301 49.48 39.28 1.52
CA ARG A 301 50.92 39.43 1.70
C ARG A 301 51.66 39.59 0.38
N VAL A 302 51.30 38.80 -0.62
CA VAL A 302 51.99 38.93 -1.92
C VAL A 302 51.59 40.22 -2.61
N GLY A 303 50.36 40.71 -2.40
CA GLY A 303 50.02 42.01 -2.92
C GLY A 303 50.82 43.12 -2.28
N HIS A 304 51.01 43.06 -0.96
CA HIS A 304 51.80 44.06 -0.27
C HIS A 304 53.26 44.02 -0.71
N LYS A 305 53.82 42.81 -0.87
CA LYS A 305 55.23 42.69 -1.18
C LYS A 305 55.54 43.10 -2.62
N LEU A 306 54.60 42.85 -3.55
CA LEU A 306 54.77 43.36 -4.90
C LEU A 306 54.65 44.89 -4.93
N GLY A 307 53.91 45.47 -3.99
CA GLY A 307 53.88 46.92 -3.88
C GLY A 307 55.23 47.49 -3.49
N GLU A 308 55.93 46.83 -2.58
CA GLU A 308 57.30 47.20 -2.24
C GLU A 308 58.29 46.88 -3.34
N GLN A 309 57.82 46.32 -4.47
CA GLN A 309 58.69 45.86 -5.54
C GLN A 309 59.68 44.80 -5.05
N ASP A 310 59.21 43.93 -4.16
CA ASP A 310 60.03 42.86 -3.59
C ASP A 310 59.54 41.53 -4.15
N THR A 311 60.07 41.17 -5.32
CA THR A 311 59.65 39.95 -6.01
C THR A 311 60.00 38.70 -5.19
N LYS A 312 61.23 38.64 -4.68
CA LYS A 312 61.65 37.48 -3.90
C LYS A 312 60.82 37.35 -2.62
N GLY A 313 60.51 38.47 -1.98
CA GLY A 313 59.65 38.43 -0.80
C GLY A 313 58.26 37.91 -1.13
N ALA A 314 57.71 38.34 -2.26
CA ALA A 314 56.42 37.79 -2.68
C ALA A 314 56.50 36.29 -2.88
N ALA A 315 57.57 35.82 -3.52
CA ALA A 315 57.73 34.38 -3.73
C ALA A 315 57.82 33.62 -2.41
N ILE A 316 58.58 34.16 -1.45
CA ILE A 316 58.74 33.49 -0.16
C ILE A 316 57.40 33.43 0.57
N ALA A 317 56.63 34.52 0.54
CA ALA A 317 55.32 34.50 1.18
C ALA A 317 54.41 33.45 0.55
N ALA A 318 54.43 33.37 -0.79
CA ALA A 318 53.62 32.35 -1.47
C ALA A 318 54.02 30.95 -1.04
N ASN A 319 55.32 30.68 -0.96
CA ASN A 319 55.78 29.34 -0.63
C ASN A 319 55.45 28.97 0.82
N VAL A 320 55.63 29.90 1.76
CA VAL A 320 55.27 29.57 3.14
C VAL A 320 53.77 29.36 3.28
N GLY A 321 52.97 30.09 2.50
CA GLY A 321 51.54 29.80 2.50
C GLY A 321 51.23 28.41 1.98
N LEU A 322 51.88 28.02 0.88
CA LEU A 322 51.66 26.69 0.33
C LEU A 322 52.18 25.57 1.23
N MET A 323 53.10 25.89 2.15
CA MET A 323 53.52 24.88 3.12
C MET A 323 52.59 24.81 4.33
N THR A 324 52.16 25.97 4.85
CA THR A 324 51.24 25.98 5.98
C THR A 324 49.92 25.32 5.61
N GLY A 325 49.42 25.56 4.39
CA GLY A 325 48.21 24.90 3.95
C GLY A 325 48.33 23.40 3.97
N LEU A 326 49.44 22.88 3.46
CA LEU A 326 49.66 21.44 3.44
C LEU A 326 49.78 20.86 4.85
N ALA A 327 50.48 21.57 5.75
CA ALA A 327 50.63 21.08 7.11
C ALA A 327 49.30 21.01 7.84
N THR A 328 48.52 22.10 7.80
CA THR A 328 47.21 22.06 8.46
C THR A 328 46.29 21.05 7.79
N ALA A 329 46.43 20.85 6.48
CA ALA A 329 45.63 19.84 5.79
C ALA A 329 45.96 18.45 6.28
N CYS A 330 47.25 18.15 6.48
CA CYS A 330 47.62 16.85 7.03
C CYS A 330 47.06 16.67 8.44
N ILE A 331 47.16 17.70 9.28
CA ILE A 331 46.66 17.60 10.64
C ILE A 331 45.17 17.31 10.65
N THR A 332 44.40 18.08 9.86
CA THR A 332 42.96 17.87 9.86
C THR A 332 42.54 16.62 9.11
N ALA A 333 43.39 16.08 8.23
CA ALA A 333 43.08 14.82 7.58
C ALA A 333 43.29 13.65 8.52
N LEU A 334 44.31 13.71 9.37
CA LEU A 334 44.51 12.63 10.34
C LEU A 334 43.40 12.60 11.37
N LEU A 335 42.93 13.77 11.83
CA LEU A 335 41.85 13.80 12.79
C LEU A 335 40.54 13.32 12.21
N THR A 336 40.35 13.48 10.89
CA THR A 336 39.17 12.90 10.25
C THR A 336 39.27 11.38 10.17
N VAL A 337 40.45 10.85 9.85
CA VAL A 337 40.64 9.41 9.76
C VAL A 337 40.47 8.77 11.13
N LEU A 338 40.98 9.41 12.19
CA LEU A 338 40.81 8.87 13.54
C LEU A 338 39.35 8.96 13.99
N PHE A 339 38.83 10.18 14.10
CA PHE A 339 37.47 10.40 14.58
C PHE A 339 36.49 10.45 13.41
N ARG A 340 36.56 9.44 12.54
CA ARG A 340 35.62 9.33 11.42
C ARG A 340 34.26 8.79 11.82
N GLU A 341 34.11 8.24 13.03
CA GLU A 341 32.82 7.72 13.48
C GLU A 341 32.08 8.69 14.39
N GLN A 342 32.80 9.40 15.24
CA GLN A 342 32.15 10.38 16.12
C GLN A 342 31.58 11.55 15.32
N ILE A 343 32.30 12.00 14.29
CA ILE A 343 31.78 13.08 13.46
C ILE A 343 30.57 12.62 12.65
N ALA A 344 30.59 11.37 12.18
CA ALA A 344 29.45 10.84 11.44
C ALA A 344 28.27 10.55 12.34
N LEU A 345 28.47 10.50 13.66
CA LEU A 345 27.38 10.32 14.60
C LEU A 345 26.80 11.63 15.10
N LEU A 346 27.52 12.75 14.93
CA LEU A 346 26.93 14.04 15.25
C LEU A 346 25.88 14.43 14.23
N TYR A 347 26.10 14.07 12.95
CA TYR A 347 25.19 14.49 11.90
C TYR A 347 23.89 13.69 11.95
N THR A 348 23.99 12.36 11.97
CA THR A 348 22.82 11.51 11.82
C THR A 348 22.82 10.44 12.90
N GLU A 349 21.72 9.68 12.95
CA GLU A 349 21.58 8.55 13.87
C GLU A 349 21.26 7.25 13.15
N ASN A 350 21.17 7.28 11.81
CA ASN A 350 20.96 6.06 11.03
C ASN A 350 22.30 5.35 10.89
N GLN A 351 22.42 4.16 11.47
CA GLN A 351 23.72 3.50 11.51
C GLN A 351 24.21 3.09 10.13
N VAL A 352 23.29 2.79 9.21
CA VAL A 352 23.70 2.51 7.84
C VAL A 352 24.34 3.75 7.22
N VAL A 353 23.75 4.92 7.45
CA VAL A 353 24.32 6.17 6.95
C VAL A 353 25.65 6.44 7.62
N VAL A 354 25.77 6.19 8.92
CA VAL A 354 27.04 6.44 9.59
C VAL A 354 28.12 5.49 9.08
N ALA A 355 27.78 4.27 8.68
CA ALA A 355 28.76 3.37 8.08
C ALA A 355 29.18 3.83 6.69
N LEU A 356 28.22 4.19 5.84
CA LEU A 356 28.56 4.65 4.50
C LEU A 356 29.37 5.95 4.55
N ALA A 357 28.99 6.88 5.43
CA ALA A 357 29.73 8.12 5.61
C ALA A 357 31.06 7.91 6.34
N MET A 358 31.18 6.87 7.16
CA MET A 358 32.47 6.50 7.73
C MET A 358 33.42 5.95 6.68
N GLN A 359 32.88 5.32 5.64
CA GLN A 359 33.72 4.93 4.50
C GLN A 359 34.06 6.10 3.59
N LEU A 360 33.10 7.00 3.36
CA LEU A 360 33.35 8.12 2.47
C LEU A 360 34.25 9.18 3.11
N LEU A 361 34.24 9.29 4.45
CA LEU A 361 35.15 10.19 5.13
C LEU A 361 36.58 9.67 5.17
N LEU A 362 36.87 8.56 4.49
CA LEU A 362 38.24 8.15 4.25
C LEU A 362 38.79 8.72 2.95
N PHE A 363 37.95 8.85 1.92
CA PHE A 363 38.33 9.58 0.73
C PHE A 363 38.28 11.08 0.95
N ALA A 364 37.38 11.54 1.83
CA ALA A 364 37.33 12.95 2.17
C ALA A 364 38.64 13.44 2.78
N ALA A 365 39.44 12.54 3.38
CA ALA A 365 40.72 12.96 3.94
C ALA A 365 41.71 13.35 2.83
N ILE A 366 41.84 12.50 1.82
CA ILE A 366 42.68 12.84 0.67
C ILE A 366 42.13 14.07 -0.03
N TYR A 367 40.81 14.18 -0.10
CA TYR A 367 40.18 15.36 -0.67
C TYR A 367 40.62 16.62 0.07
N GLN A 368 40.62 16.58 1.39
CA GLN A 368 41.03 17.73 2.19
C GLN A 368 42.51 18.02 2.01
N CYS A 369 43.33 16.99 1.81
CA CYS A 369 44.76 17.23 1.59
C CYS A 369 45.02 17.91 0.25
N MET A 370 44.24 17.59 -0.79
CA MET A 370 44.45 18.22 -2.08
C MET A 370 43.80 19.61 -2.16
N ASP A 371 42.65 19.77 -1.52
CA ASP A 371 41.96 21.05 -1.49
C ASP A 371 42.51 21.98 -0.43
N ALA A 372 43.80 22.05 -0.33
CA ALA A 372 44.57 23.11 0.30
C ALA A 372 45.70 23.57 -0.60
N VAL A 373 46.38 22.64 -1.27
CA VAL A 373 47.32 23.00 -2.31
C VAL A 373 46.60 23.66 -3.47
N GLN A 374 45.32 23.31 -3.68
CA GLN A 374 44.57 24.04 -4.69
C GLN A 374 44.27 25.47 -4.22
N VAL A 375 43.69 25.62 -3.04
CA VAL A 375 43.13 26.91 -2.63
C VAL A 375 44.23 27.91 -2.32
N VAL A 376 45.28 27.49 -1.62
CA VAL A 376 46.36 28.42 -1.28
C VAL A 376 47.06 28.90 -2.54
N ALA A 377 47.29 27.99 -3.50
CA ALA A 377 47.89 28.39 -4.77
C ALA A 377 46.99 29.34 -5.54
N ALA A 378 45.67 29.08 -5.54
CA ALA A 378 44.75 29.99 -6.21
C ALA A 378 44.78 31.38 -5.60
N GLY A 379 44.80 31.45 -4.27
CA GLY A 379 44.92 32.74 -3.61
C GLY A 379 46.26 33.40 -3.85
N SER A 380 47.31 32.60 -3.97
CA SER A 380 48.66 33.15 -4.11
C SER A 380 48.82 33.93 -5.40
N LEU A 381 48.42 33.35 -6.53
CA LEU A 381 48.54 34.05 -7.80
C LEU A 381 47.45 35.08 -8.01
N ARG A 382 46.35 35.01 -7.25
CA ARG A 382 45.35 36.06 -7.30
C ARG A 382 45.95 37.39 -6.84
N GLY A 383 46.84 37.35 -5.86
CA GLY A 383 47.57 38.55 -5.49
C GLY A 383 48.42 39.07 -6.65
N TYR A 384 48.92 38.17 -7.48
CA TYR A 384 49.64 38.52 -8.70
C TYR A 384 48.72 39.08 -9.78
N LYS A 385 47.43 39.26 -9.50
CA LYS A 385 46.46 39.74 -10.49
C LYS A 385 46.32 38.77 -11.65
N ASP A 386 46.55 37.49 -11.41
CA ASP A 386 46.39 36.46 -12.44
C ASP A 386 45.01 35.82 -12.33
N MET A 387 43.98 36.67 -12.39
CA MET A 387 42.61 36.19 -12.19
C MET A 387 42.20 35.24 -13.31
N THR A 388 42.33 35.68 -14.56
CA THR A 388 41.79 34.93 -15.69
C THR A 388 42.40 33.54 -15.76
N ALA A 389 43.70 33.43 -15.50
CA ALA A 389 44.36 32.12 -15.50
C ALA A 389 43.60 31.14 -14.64
N ILE A 390 43.25 31.55 -13.41
CA ILE A 390 42.47 30.69 -12.53
C ILE A 390 41.28 30.12 -13.28
N PHE A 391 40.45 31.02 -13.81
CA PHE A 391 39.19 30.59 -14.41
C PHE A 391 39.41 29.59 -15.53
N HIS A 392 40.56 29.64 -16.20
CA HIS A 392 40.81 28.68 -17.26
C HIS A 392 41.24 27.33 -16.68
N ARG A 393 42.21 27.35 -15.76
CA ARG A 393 42.79 26.10 -15.31
C ARG A 393 41.89 25.39 -14.31
N THR A 394 41.21 26.15 -13.45
CA THR A 394 40.26 25.56 -12.52
C THR A 394 39.10 24.91 -13.26
N PHE A 395 38.56 25.61 -14.25
CA PHE A 395 37.39 25.11 -14.96
C PHE A 395 37.73 23.86 -15.77
N ILE A 396 38.80 23.91 -16.57
CA ILE A 396 39.14 22.77 -17.41
C ILE A 396 39.59 21.58 -16.59
N SER A 397 39.96 21.78 -15.33
CA SER A 397 40.32 20.68 -14.45
C SER A 397 39.13 20.17 -13.65
N TYR A 398 38.17 21.04 -13.32
CA TYR A 398 36.99 20.59 -12.61
C TYR A 398 36.01 19.89 -13.55
N TRP A 399 35.46 20.64 -14.51
CA TRP A 399 34.34 20.13 -15.29
C TRP A 399 34.78 19.09 -16.30
N VAL A 400 35.92 19.30 -16.95
CA VAL A 400 36.36 18.35 -17.97
C VAL A 400 36.83 17.04 -17.34
N LEU A 401 37.50 17.11 -16.19
CA LEU A 401 38.03 15.89 -15.59
C LEU A 401 37.06 15.25 -14.60
N GLY A 402 36.70 15.96 -13.53
CA GLY A 402 36.05 15.31 -12.40
C GLY A 402 34.69 14.74 -12.73
N LEU A 403 33.85 15.53 -13.42
CA LEU A 403 32.51 15.05 -13.73
C LEU A 403 32.52 13.85 -14.67
N PRO A 404 33.28 13.83 -15.77
CA PRO A 404 33.35 12.59 -16.57
C PRO A 404 33.94 11.41 -15.81
N THR A 405 35.14 11.55 -15.26
CA THR A 405 35.75 10.42 -14.57
C THR A 405 34.94 10.00 -13.35
N GLY A 406 34.15 10.91 -12.79
CA GLY A 406 33.21 10.52 -11.75
C GLY A 406 32.10 9.62 -12.28
N TYR A 407 31.57 9.96 -13.45
CA TYR A 407 30.53 9.13 -14.06
C TYR A 407 31.11 7.80 -14.54
N ILE A 408 32.32 7.83 -15.11
CA ILE A 408 32.92 6.61 -15.65
C ILE A 408 33.29 5.65 -14.53
N LEU A 409 33.97 6.15 -13.51
CA LEU A 409 34.34 5.32 -12.37
C LEU A 409 33.18 5.09 -11.41
N GLY A 410 32.05 5.74 -11.64
CA GLY A 410 30.90 5.61 -10.78
C GLY A 410 29.81 4.74 -11.37
N MET A 411 28.80 5.36 -11.96
CA MET A 411 27.61 4.65 -12.38
C MET A 411 27.83 3.77 -13.62
N THR A 412 28.97 3.86 -14.28
CA THR A 412 29.25 3.03 -15.45
C THR A 412 30.43 2.10 -15.15
N ASN A 413 30.77 1.26 -16.12
CA ASN A 413 31.84 0.27 -15.97
C ASN A 413 32.77 0.28 -17.16
N TRP A 414 32.92 1.42 -17.82
CA TRP A 414 33.78 1.51 -18.99
C TRP A 414 35.23 1.72 -18.57
N LEU A 415 35.72 0.87 -17.67
CA LEU A 415 37.06 1.00 -17.13
C LEU A 415 37.46 -0.31 -16.43
N GLN A 418 33.16 -3.69 -12.60
CA GLN A 418 32.13 -3.47 -11.58
C GLN A 418 32.04 -2.01 -11.21
N PRO A 419 30.93 -1.37 -11.56
CA PRO A 419 30.77 0.06 -11.27
C PRO A 419 30.85 0.33 -9.77
N LEU A 420 31.60 1.37 -9.41
CA LEU A 420 31.71 1.78 -8.03
C LEU A 420 30.59 2.75 -7.67
N GLY A 421 30.26 2.82 -6.38
CA GLY A 421 29.20 3.68 -5.93
C GLY A 421 29.61 5.14 -5.83
N ALA A 422 29.14 5.84 -4.79
CA ALA A 422 29.57 7.22 -4.57
C ALA A 422 31.07 7.30 -4.28
N LYS A 423 31.68 6.19 -3.88
CA LYS A 423 33.13 6.13 -3.76
C LYS A 423 33.82 6.22 -5.11
N GLY A 424 33.06 6.35 -6.20
CA GLY A 424 33.62 6.64 -7.50
C GLY A 424 33.52 8.12 -7.80
N PHE A 425 32.42 8.74 -7.40
CA PHE A 425 32.31 10.19 -7.51
C PHE A 425 33.36 10.88 -6.65
N TRP A 426 33.61 10.36 -5.45
CA TRP A 426 34.65 10.95 -4.62
C TRP A 426 36.05 10.72 -5.22
N LEU A 427 36.25 9.58 -5.87
CA LEU A 427 37.52 9.36 -6.57
C LEU A 427 37.69 10.34 -7.73
N GLY A 428 36.60 10.62 -8.44
CA GLY A 428 36.65 11.66 -9.46
C GLY A 428 36.95 13.03 -8.88
N PHE A 429 36.41 13.31 -7.70
CA PHE A 429 36.75 14.56 -7.01
C PHE A 429 38.24 14.64 -6.73
N ILE A 430 38.83 13.54 -6.26
CA ILE A 430 40.28 13.52 -6.06
C ILE A 430 41.01 13.76 -7.36
N ILE A 431 40.55 13.11 -8.43
CA ILE A 431 41.21 13.21 -9.74
C ILE A 431 41.14 14.63 -10.29
N GLY A 432 40.09 15.37 -9.97
CA GLY A 432 39.97 16.75 -10.41
C GLY A 432 40.77 17.73 -9.57
N LEU A 433 40.61 17.63 -8.25
CA LEU A 433 41.35 18.49 -7.34
C LEU A 433 42.85 18.33 -7.52
N SER A 434 43.32 17.09 -7.64
CA SER A 434 44.62 16.87 -8.21
C SER A 434 44.57 17.21 -9.69
N ALA A 435 45.66 17.78 -10.18
CA ALA A 435 45.79 18.38 -11.51
C ALA A 435 45.08 19.72 -11.61
N ALA A 436 44.11 20.01 -10.72
CA ALA A 436 43.83 21.42 -10.48
C ALA A 436 44.96 22.04 -9.68
N ALA A 437 45.40 21.34 -8.63
CA ALA A 437 46.57 21.70 -7.86
C ALA A 437 47.87 21.42 -8.59
N LEU A 438 47.81 20.94 -9.84
CA LEU A 438 48.99 20.85 -10.68
C LEU A 438 49.05 21.97 -11.72
N MET A 439 47.94 22.28 -12.38
CA MET A 439 47.93 23.42 -13.28
C MET A 439 48.09 24.73 -12.51
N LEU A 440 47.35 24.90 -11.42
CA LEU A 440 47.49 26.11 -10.61
C LEU A 440 48.83 26.15 -9.89
N GLY A 441 49.51 25.01 -9.77
CA GLY A 441 50.81 24.99 -9.12
C GLY A 441 51.95 25.21 -10.10
N GLN A 442 51.72 24.89 -11.37
CA GLN A 442 52.73 25.13 -12.39
C GLN A 442 52.63 26.54 -12.98
N ARG A 443 51.43 27.13 -12.99
CA ARG A 443 51.33 28.52 -13.39
C ARG A 443 52.08 29.43 -12.41
N LEU A 444 51.98 29.13 -11.12
CA LEU A 444 52.68 29.92 -10.12
C LEU A 444 54.19 29.83 -10.31
N TYR A 445 54.70 28.63 -10.62
CA TYR A 445 56.14 28.46 -10.79
C TYR A 445 56.65 29.24 -12.00
N TRP A 446 55.88 29.27 -13.09
CA TRP A 446 56.25 30.10 -14.23
C TRP A 446 56.25 31.57 -13.85
N LEU A 447 55.25 32.00 -13.08
CA LEU A 447 55.12 33.40 -12.69
C LEU A 447 56.27 33.81 -11.77
N GLN A 448 56.60 32.97 -10.79
CA GLN A 448 57.65 33.29 -9.84
C GLN A 448 59.04 33.31 -10.45
N LYS A 449 59.17 32.98 -11.73
CA LYS A 449 60.46 32.91 -12.40
C LYS A 449 60.39 33.57 -13.77
N GLN A 450 59.78 34.76 -13.83
CA GLN A 450 59.52 35.43 -15.11
C GLN A 450 60.00 36.88 -15.09
N SER A 451 61.26 37.09 -15.46
CA SER A 451 61.78 38.37 -15.93
C SER A 451 61.91 39.44 -14.85
N ASP A 452 61.36 39.18 -13.65
CA ASP A 452 61.50 40.07 -12.51
C ASP A 452 60.95 41.47 -12.77
N ASP A 453 60.43 41.70 -13.97
CA ASP A 453 59.80 42.97 -14.35
C ASP A 453 58.36 42.78 -14.78
N VAL A 454 58.09 41.78 -15.64
CA VAL A 454 56.73 41.46 -16.02
C VAL A 454 55.91 41.03 -14.80
N GLN A 455 56.58 40.48 -13.78
CA GLN A 455 55.89 40.15 -12.54
C GLN A 455 55.24 41.39 -11.93
N LEU A 456 56.03 42.46 -11.78
CA LEU A 456 55.49 43.69 -11.22
C LEU A 456 54.48 44.33 -12.17
N HIS A 457 54.76 44.31 -13.48
CA HIS A 457 53.84 44.90 -14.44
C HIS A 457 52.50 44.18 -14.44
N LEU A 458 52.54 42.84 -14.47
CA LEU A 458 51.30 42.06 -14.35
C LEU A 458 50.69 42.25 -12.97
N ALA A 459 51.51 42.45 -11.94
CA ALA A 459 50.98 42.70 -10.60
C ALA A 459 50.18 43.99 -10.54
N ALA A 460 50.40 44.91 -11.48
CA ALA A 460 49.57 46.11 -11.58
C ALA A 460 48.36 45.91 -12.49
N LYS A 461 48.35 44.87 -13.31
CA LYS A 461 47.23 44.60 -14.21
C LYS A 461 45.94 44.33 -13.44
N VAL B 5 -12.36 3.09 -7.03
CA VAL B 5 -11.53 1.90 -6.87
C VAL B 5 -12.15 0.73 -7.63
N GLN B 6 -11.33 0.00 -8.37
CA GLN B 6 -11.82 -1.04 -9.26
C GLN B 6 -10.71 -2.04 -9.54
N LEU B 7 -11.10 -3.31 -9.66
CA LEU B 7 -10.20 -4.40 -10.02
C LEU B 7 -10.73 -5.08 -11.27
N VAL B 8 -9.83 -5.40 -12.20
CA VAL B 8 -10.21 -6.06 -13.44
C VAL B 8 -9.24 -7.20 -13.72
N GLU B 9 -9.76 -8.37 -14.04
CA GLU B 9 -8.94 -9.54 -14.30
C GLU B 9 -8.87 -9.85 -15.80
N SER B 10 -7.93 -10.72 -16.15
CA SER B 10 -7.71 -11.10 -17.54
C SER B 10 -7.18 -12.52 -17.59
N GLY B 11 -7.07 -13.05 -18.80
CA GLY B 11 -6.67 -14.42 -19.00
C GLY B 11 -7.83 -15.39 -18.91
N GLY B 12 -7.48 -16.67 -18.87
CA GLY B 12 -8.49 -17.71 -18.78
C GLY B 12 -8.57 -18.56 -20.03
N GLY B 13 -9.77 -19.00 -20.37
CA GLY B 13 -9.94 -19.77 -21.59
C GLY B 13 -9.66 -21.25 -21.40
N LEU B 14 -9.10 -21.88 -22.44
CA LEU B 14 -8.91 -23.33 -22.47
C LEU B 14 -7.43 -23.65 -22.47
N VAL B 15 -7.04 -24.63 -21.64
CA VAL B 15 -5.65 -25.07 -21.56
C VAL B 15 -5.63 -26.60 -21.52
N GLN B 16 -4.68 -27.19 -22.22
CA GLN B 16 -4.46 -28.63 -22.10
C GLN B 16 -3.77 -28.94 -20.78
N PRO B 17 -4.09 -30.07 -20.15
CA PRO B 17 -3.45 -30.41 -18.87
C PRO B 17 -1.94 -30.52 -19.03
N GLY B 18 -1.22 -30.04 -18.02
CA GLY B 18 0.21 -29.96 -18.10
C GLY B 18 0.74 -28.72 -18.79
N GLY B 19 -0.13 -27.86 -19.30
CA GLY B 19 0.27 -26.64 -19.97
C GLY B 19 0.60 -25.53 -18.99
N SER B 20 0.28 -24.29 -19.38
CA SER B 20 0.55 -23.14 -18.53
C SER B 20 -0.39 -22.02 -18.93
N LEU B 21 -0.51 -21.04 -18.03
CA LEU B 21 -1.35 -19.88 -18.26
C LEU B 21 -0.91 -18.76 -17.35
N ARG B 22 -1.31 -17.54 -17.68
CA ARG B 22 -0.99 -16.35 -16.91
C ARG B 22 -2.24 -15.51 -16.71
N LEU B 23 -2.50 -15.09 -15.48
CA LEU B 23 -3.62 -14.23 -15.15
C LEU B 23 -3.11 -12.89 -14.66
N SER B 24 -3.73 -11.81 -15.11
CA SER B 24 -3.34 -10.47 -14.73
C SER B 24 -4.51 -9.76 -14.06
N CYS B 25 -4.23 -9.09 -12.95
CA CYS B 25 -5.22 -8.30 -12.23
C CYS B 25 -4.73 -6.87 -12.17
N ALA B 26 -5.51 -5.95 -12.74
CA ALA B 26 -5.18 -4.54 -12.80
C ALA B 26 -6.08 -3.76 -11.87
N ALA B 27 -5.48 -2.91 -11.03
CA ALA B 27 -6.19 -2.16 -10.01
C ALA B 27 -6.09 -0.68 -10.33
N SER B 28 -7.23 0.02 -10.29
CA SER B 28 -7.27 1.44 -10.57
C SER B 28 -8.06 2.17 -9.49
N GLY B 29 -7.53 3.29 -9.03
CA GLY B 29 -8.23 4.14 -8.10
C GLY B 29 -7.70 4.19 -6.68
N PHE B 30 -6.48 3.73 -6.43
CA PHE B 30 -5.89 3.82 -5.10
C PHE B 30 -4.38 3.70 -5.23
N ASN B 31 -3.70 3.75 -4.09
CA ASN B 31 -2.25 3.59 -4.03
C ASN B 31 -1.93 2.10 -3.89
N PHE B 32 -1.27 1.54 -4.90
CA PHE B 32 -0.98 0.11 -4.92
C PHE B 32 0.04 -0.29 -3.86
N SER B 33 0.73 0.66 -3.24
CA SER B 33 1.75 0.36 -2.25
C SER B 33 1.21 0.26 -0.82
N TYR B 34 -0.07 0.55 -0.61
CA TYR B 34 -0.67 0.48 0.71
C TYR B 34 -1.48 -0.79 0.93
N TYR B 35 -1.57 -1.68 -0.05
CA TYR B 35 -2.45 -2.83 0.03
C TYR B 35 -1.76 -4.05 -0.58
N SER B 36 -2.38 -5.20 -0.38
CA SER B 36 -1.89 -6.48 -0.89
C SER B 36 -2.98 -7.14 -1.72
N ILE B 37 -2.56 -7.96 -2.68
CA ILE B 37 -3.45 -8.59 -3.65
C ILE B 37 -3.49 -10.08 -3.37
N HIS B 38 -4.71 -10.61 -3.26
CA HIS B 38 -4.96 -12.02 -3.00
C HIS B 38 -5.71 -12.63 -4.18
N TRP B 39 -5.46 -13.91 -4.42
CA TRP B 39 -6.16 -14.66 -5.46
C TRP B 39 -7.00 -15.74 -4.82
N VAL B 40 -8.29 -15.79 -5.17
CA VAL B 40 -9.23 -16.73 -4.59
C VAL B 40 -9.85 -17.56 -5.71
N ARG B 41 -9.75 -18.87 -5.61
CA ARG B 41 -10.21 -19.78 -6.65
C ARG B 41 -11.50 -20.46 -6.21
N GLN B 42 -12.49 -20.49 -7.09
CA GLN B 42 -13.75 -21.19 -6.83
C GLN B 42 -13.98 -22.21 -7.94
N ALA B 43 -13.96 -23.49 -7.58
CA ALA B 43 -14.27 -24.55 -8.52
C ALA B 43 -15.78 -24.61 -8.77
N PRO B 44 -16.20 -25.16 -9.90
CA PRO B 44 -17.65 -25.23 -10.19
C PRO B 44 -18.36 -26.12 -9.18
N GLY B 45 -19.36 -25.54 -8.51
CA GLY B 45 -20.12 -26.28 -7.52
C GLY B 45 -19.44 -26.47 -6.19
N LYS B 46 -18.37 -25.73 -5.92
CA LYS B 46 -17.62 -25.88 -4.67
C LYS B 46 -17.53 -24.55 -3.95
N GLY B 47 -16.74 -24.51 -2.87
CA GLY B 47 -16.59 -23.31 -2.08
C GLY B 47 -15.35 -22.51 -2.42
N LEU B 48 -15.24 -21.35 -1.79
CA LEU B 48 -14.09 -20.47 -2.00
C LEU B 48 -12.83 -21.10 -1.42
N GLU B 49 -11.71 -20.93 -2.12
CA GLU B 49 -10.42 -21.41 -1.66
C GLU B 49 -9.37 -20.35 -1.91
N TRP B 50 -8.39 -20.29 -1.02
CA TRP B 50 -7.33 -19.30 -1.10
C TRP B 50 -6.13 -19.89 -1.83
N VAL B 51 -5.55 -19.10 -2.73
CA VAL B 51 -4.47 -19.55 -3.59
C VAL B 51 -3.14 -18.92 -3.21
N ALA B 52 -3.04 -17.60 -3.31
CA ALA B 52 -1.77 -16.93 -3.06
C ALA B 52 -2.01 -15.45 -2.83
N TYR B 53 -1.12 -14.84 -2.05
CA TYR B 53 -1.16 -13.41 -1.80
C TYR B 53 0.22 -12.82 -2.01
N ILE B 54 0.24 -11.56 -2.48
CA ILE B 54 1.47 -10.80 -2.63
C ILE B 54 1.25 -9.39 -2.10
N SER B 55 2.24 -8.90 -1.36
CA SER B 55 2.25 -7.50 -0.95
C SER B 55 2.79 -6.65 -2.11
N SER B 56 3.17 -5.40 -1.83
CA SER B 56 3.68 -4.54 -2.89
C SER B 56 4.91 -5.14 -3.55
N SER B 57 5.83 -5.68 -2.75
CA SER B 57 7.09 -6.23 -3.24
C SER B 57 7.09 -7.75 -3.10
N SER B 58 8.21 -8.36 -3.50
CA SER B 58 8.38 -9.79 -3.36
C SER B 58 8.87 -10.20 -1.99
N SER B 59 9.13 -9.24 -1.10
CA SER B 59 9.52 -9.58 0.27
C SER B 59 8.42 -10.33 0.99
N TYR B 60 7.17 -9.91 0.79
CA TYR B 60 6.01 -10.59 1.37
C TYR B 60 5.26 -11.29 0.26
N THR B 61 5.12 -12.60 0.37
CA THR B 61 4.46 -13.42 -0.63
C THR B 61 4.19 -14.79 -0.03
N SER B 62 2.97 -15.30 -0.23
CA SER B 62 2.63 -16.60 0.35
C SER B 62 1.72 -17.36 -0.60
N TYR B 63 1.79 -18.68 -0.52
CA TYR B 63 0.99 -19.58 -1.35
C TYR B 63 0.34 -20.63 -0.46
N ALA B 64 -0.80 -21.14 -0.91
CA ALA B 64 -1.44 -22.25 -0.21
C ALA B 64 -0.61 -23.52 -0.35
N ASP B 65 -0.79 -24.44 0.59
CA ASP B 65 -0.05 -25.69 0.56
C ASP B 65 -0.46 -26.55 -0.63
N SER B 66 -1.73 -26.44 -1.07
CA SER B 66 -2.22 -27.28 -2.15
C SER B 66 -1.62 -26.90 -3.50
N VAL B 67 -1.11 -25.69 -3.65
CA VAL B 67 -0.56 -25.24 -4.93
C VAL B 67 0.85 -24.71 -4.75
N LYS B 68 1.52 -25.14 -3.67
CA LYS B 68 2.87 -24.67 -3.40
C LYS B 68 3.84 -25.37 -4.34
N GLY B 69 4.62 -24.58 -5.07
CA GLY B 69 5.58 -25.10 -6.02
C GLY B 69 5.11 -25.07 -7.47
N ARG B 70 3.81 -24.97 -7.70
CA ARG B 70 3.30 -24.88 -9.08
C ARG B 70 3.08 -23.42 -9.48
N PHE B 71 2.21 -22.71 -8.76
CA PHE B 71 1.90 -21.33 -9.11
C PHE B 71 3.02 -20.41 -8.64
N THR B 72 3.03 -19.20 -9.20
CA THR B 72 3.99 -18.18 -8.81
C THR B 72 3.39 -16.81 -9.04
N ILE B 73 3.43 -15.95 -8.03
CA ILE B 73 2.77 -14.65 -8.08
C ILE B 73 3.82 -13.56 -8.05
N SER B 74 3.61 -12.52 -8.86
CA SER B 74 4.51 -11.38 -8.94
C SER B 74 3.67 -10.13 -9.11
N ALA B 75 4.30 -8.97 -8.89
CA ALA B 75 3.60 -7.70 -9.00
C ALA B 75 4.44 -6.69 -9.76
N ASP B 76 3.78 -5.90 -10.59
CA ASP B 76 4.40 -4.78 -11.30
C ASP B 76 3.73 -3.51 -10.82
N THR B 77 4.46 -2.72 -10.02
CA THR B 77 3.91 -1.51 -9.43
C THR B 77 3.77 -0.38 -10.45
N SER B 78 4.56 -0.42 -11.54
CA SER B 78 4.52 0.68 -12.50
C SER B 78 3.14 0.81 -13.13
N LYS B 79 2.53 -0.31 -13.52
CA LYS B 79 1.20 -0.31 -14.13
C LYS B 79 0.12 -0.81 -13.19
N ASN B 80 0.45 -1.01 -11.91
CA ASN B 80 -0.49 -1.49 -10.90
C ASN B 80 -1.14 -2.80 -11.32
N THR B 81 -0.30 -3.83 -11.50
CA THR B 81 -0.78 -5.13 -11.93
C THR B 81 -0.19 -6.22 -11.04
N ALA B 82 -0.95 -7.31 -10.91
CA ALA B 82 -0.49 -8.51 -10.23
C ALA B 82 -0.66 -9.69 -11.17
N TYR B 83 0.40 -10.45 -11.37
CA TYR B 83 0.42 -11.57 -12.32
C TYR B 83 0.54 -12.88 -11.55
N LEU B 84 -0.37 -13.80 -11.81
CA LEU B 84 -0.31 -15.16 -11.30
C LEU B 84 0.00 -16.08 -12.47
N GLN B 85 1.19 -16.69 -12.44
CA GLN B 85 1.62 -17.62 -13.47
C GLN B 85 1.38 -19.03 -12.95
N MET B 86 0.59 -19.80 -13.69
CA MET B 86 0.28 -21.17 -13.32
C MET B 86 0.89 -22.10 -14.37
N ASN B 87 1.56 -23.15 -13.91
CA ASN B 87 2.19 -24.11 -14.80
C ASN B 87 2.03 -25.51 -14.22
N SER B 88 2.13 -26.50 -15.11
CA SER B 88 1.89 -27.90 -14.76
C SER B 88 0.51 -28.07 -14.15
N LEU B 89 -0.50 -27.56 -14.85
CA LEU B 89 -1.87 -27.62 -14.39
C LEU B 89 -2.39 -29.06 -14.40
N ARG B 90 -3.45 -29.29 -13.65
CA ARG B 90 -4.11 -30.58 -13.61
C ARG B 90 -5.61 -30.37 -13.80
N ALA B 91 -6.32 -31.47 -14.02
CA ALA B 91 -7.73 -31.41 -14.40
C ALA B 91 -8.62 -30.83 -13.31
N GLU B 92 -8.12 -30.69 -12.10
CA GLU B 92 -8.92 -30.18 -10.99
C GLU B 92 -8.74 -28.69 -10.75
N ASP B 93 -7.98 -28.00 -11.59
CA ASP B 93 -7.76 -26.56 -11.45
C ASP B 93 -8.71 -25.73 -12.31
N THR B 94 -9.59 -26.36 -13.08
CA THR B 94 -10.56 -25.62 -13.87
C THR B 94 -11.54 -24.92 -12.93
N ALA B 95 -11.50 -23.60 -12.90
CA ALA B 95 -12.26 -22.86 -11.91
C ALA B 95 -12.42 -21.41 -12.35
N VAL B 96 -12.92 -20.58 -11.44
CA VAL B 96 -13.06 -19.15 -11.63
C VAL B 96 -12.18 -18.45 -10.61
N TYR B 97 -11.34 -17.54 -11.07
CA TYR B 97 -10.35 -16.89 -10.23
C TYR B 97 -10.75 -15.44 -9.98
N TYR B 98 -10.76 -15.04 -8.71
CA TYR B 98 -11.10 -13.71 -8.26
C TYR B 98 -9.86 -13.03 -7.69
N CYS B 99 -9.78 -11.72 -7.90
CA CYS B 99 -8.71 -10.89 -7.40
C CYS B 99 -9.27 -10.00 -6.30
N ALA B 100 -8.66 -10.05 -5.11
CA ALA B 100 -9.18 -9.33 -3.95
C ALA B 100 -8.07 -8.47 -3.35
N ARG B 101 -8.48 -7.45 -2.61
CA ARG B 101 -7.55 -6.50 -2.00
C ARG B 101 -7.68 -6.55 -0.48
N GLY B 102 -6.53 -6.53 0.20
CA GLY B 102 -6.50 -6.54 1.65
C GLY B 102 -5.38 -5.66 2.17
N TYR B 103 -5.25 -5.64 3.49
CA TYR B 103 -4.20 -4.86 4.13
C TYR B 103 -2.82 -5.34 3.69
N GLN B 104 -1.83 -4.46 3.79
CA GLN B 104 -0.48 -4.81 3.38
C GLN B 104 0.17 -5.76 4.38
N TYR B 105 0.28 -5.34 5.64
CA TYR B 105 0.84 -6.18 6.68
C TYR B 105 -0.28 -6.90 7.44
N TRP B 106 -0.99 -7.77 6.72
CA TRP B 106 -2.12 -8.46 7.33
C TRP B 106 -1.67 -9.50 8.33
N GLN B 107 -0.50 -10.11 8.12
CA GLN B 107 -0.02 -11.12 9.07
C GLN B 107 0.48 -10.48 10.36
N TYR B 108 1.11 -9.30 10.26
CA TYR B 108 1.55 -8.61 11.46
C TYR B 108 0.37 -8.17 12.31
N HIS B 109 -0.70 -7.68 11.66
CA HIS B 109 -1.87 -7.20 12.40
C HIS B 109 -2.80 -8.33 12.83
N ALA B 110 -2.65 -9.52 12.27
CA ALA B 110 -3.56 -10.61 12.60
C ALA B 110 -3.45 -10.96 14.08
N SER B 111 -4.59 -11.09 14.74
CA SER B 111 -4.65 -11.35 16.16
C SER B 111 -6.05 -11.84 16.49
N TRP B 112 -6.29 -12.11 17.78
CA TRP B 112 -7.58 -12.63 18.19
C TRP B 112 -8.68 -11.59 18.14
N TYR B 113 -8.33 -10.30 18.18
CA TYR B 113 -9.31 -9.23 18.17
C TYR B 113 -9.33 -8.45 16.87
N TRP B 114 -8.58 -8.88 15.85
CA TRP B 114 -8.47 -8.10 14.62
C TRP B 114 -8.44 -9.03 13.41
N ASN B 115 -9.23 -8.68 12.40
CA ASN B 115 -9.19 -9.38 11.11
C ASN B 115 -9.75 -8.41 10.07
N GLY B 116 -8.87 -7.81 9.27
CA GLY B 116 -9.30 -6.79 8.34
C GLY B 116 -10.22 -7.33 7.25
N GLY B 117 -9.82 -8.42 6.61
CA GLY B 117 -10.60 -9.01 5.55
C GLY B 117 -10.17 -8.54 4.17
N LEU B 118 -11.01 -8.86 3.19
CA LEU B 118 -10.80 -8.47 1.81
C LEU B 118 -11.96 -7.59 1.38
N ASP B 119 -11.66 -6.36 0.95
CA ASP B 119 -12.69 -5.35 0.71
C ASP B 119 -13.29 -5.44 -0.68
N TYR B 120 -12.46 -5.26 -1.72
CA TYR B 120 -12.92 -5.18 -3.09
C TYR B 120 -12.45 -6.40 -3.87
N TRP B 121 -13.31 -6.89 -4.75
CA TRP B 121 -13.05 -8.08 -5.55
C TRP B 121 -13.14 -7.71 -7.03
N GLY B 122 -12.98 -8.73 -7.88
CA GLY B 122 -13.11 -8.57 -9.31
C GLY B 122 -14.21 -9.46 -9.87
N GLN B 123 -14.44 -9.31 -11.18
CA GLN B 123 -15.43 -10.13 -11.85
C GLN B 123 -15.04 -11.61 -11.81
N GLY B 124 -13.75 -11.90 -11.99
CA GLY B 124 -13.27 -13.26 -11.98
C GLY B 124 -13.17 -13.87 -13.36
N THR B 125 -12.01 -14.45 -13.67
CA THR B 125 -11.77 -15.04 -14.98
C THR B 125 -11.87 -16.56 -14.90
N LEU B 126 -12.50 -17.15 -15.90
CA LEU B 126 -12.70 -18.60 -15.96
C LEU B 126 -11.55 -19.25 -16.72
N VAL B 127 -10.89 -20.21 -16.09
CA VAL B 127 -9.83 -20.98 -16.73
C VAL B 127 -10.18 -22.44 -16.61
N THR B 128 -10.27 -23.14 -17.75
CA THR B 128 -10.61 -24.54 -17.78
C THR B 128 -9.51 -25.33 -18.46
N VAL B 129 -9.18 -26.48 -17.88
CA VAL B 129 -8.18 -27.39 -18.42
C VAL B 129 -8.90 -28.62 -18.94
N SER B 130 -8.67 -28.96 -20.20
CA SER B 130 -9.43 -30.00 -20.86
C SER B 130 -8.53 -30.72 -21.86
N SER B 131 -8.99 -31.91 -22.27
CA SER B 131 -8.25 -32.76 -23.19
C SER B 131 -9.12 -33.20 -24.36
N ALA B 132 -10.09 -32.35 -24.76
CA ALA B 132 -10.97 -32.67 -25.86
C ALA B 132 -11.09 -31.47 -26.79
N SER B 133 -11.16 -31.75 -28.09
CA SER B 133 -11.37 -30.69 -29.07
C SER B 133 -12.81 -30.23 -29.04
N THR B 134 -13.03 -28.98 -29.46
CA THR B 134 -14.37 -28.42 -29.47
C THR B 134 -15.28 -29.23 -30.39
N LYS B 135 -16.46 -29.59 -29.88
CA LYS B 135 -17.38 -30.46 -30.60
C LYS B 135 -18.80 -29.96 -30.39
N GLY B 136 -19.63 -30.17 -31.40
CA GLY B 136 -21.04 -29.82 -31.31
C GLY B 136 -21.82 -30.86 -30.55
N PRO B 137 -23.01 -30.48 -30.08
CA PRO B 137 -23.82 -31.41 -29.28
C PRO B 137 -24.45 -32.52 -30.10
N SER B 138 -25.12 -33.45 -29.43
CA SER B 138 -25.88 -34.53 -30.06
C SER B 138 -27.25 -34.55 -29.40
N VAL B 139 -28.20 -33.80 -29.96
CA VAL B 139 -29.54 -33.74 -29.40
C VAL B 139 -30.22 -35.09 -29.51
N PHE B 140 -31.16 -35.34 -28.61
CA PHE B 140 -31.90 -36.61 -28.59
C PHE B 140 -33.25 -36.37 -27.93
N PRO B 141 -34.28 -37.10 -28.34
CA PRO B 141 -35.61 -36.90 -27.75
C PRO B 141 -35.75 -37.62 -26.42
N LEU B 142 -36.68 -37.11 -25.60
CA LEU B 142 -37.07 -37.73 -24.34
C LEU B 142 -38.58 -37.65 -24.21
N ALA B 143 -39.28 -38.09 -25.25
CA ALA B 143 -40.74 -37.98 -25.29
C ALA B 143 -41.39 -38.99 -24.34
N PRO B 144 -42.60 -38.71 -23.89
CA PRO B 144 -43.31 -39.65 -23.01
C PRO B 144 -44.00 -40.73 -23.83
N SER B 145 -44.71 -41.61 -23.12
CA SER B 145 -45.44 -42.69 -23.77
C SER B 145 -46.89 -42.72 -23.30
N SER B 146 -47.62 -43.77 -23.66
CA SER B 146 -49.01 -43.89 -23.26
C SER B 146 -49.17 -44.18 -21.77
N LYS B 147 -48.07 -44.47 -21.06
CA LYS B 147 -48.11 -44.75 -19.63
C LYS B 147 -47.38 -43.71 -18.81
N SER B 148 -47.16 -42.52 -19.36
CA SER B 148 -46.50 -41.43 -18.64
C SER B 148 -47.53 -40.50 -18.01
N THR B 149 -48.32 -41.07 -17.10
CA THR B 149 -49.42 -40.37 -16.43
C THR B 149 -50.35 -39.72 -17.45
N SER B 150 -50.64 -40.45 -18.52
CA SER B 150 -51.52 -39.94 -19.56
C SER B 150 -52.94 -39.77 -19.03
N GLY B 151 -53.62 -38.73 -19.52
CA GLY B 151 -54.92 -38.34 -19.04
C GLY B 151 -54.89 -37.19 -18.06
N GLY B 152 -53.77 -37.01 -17.36
CA GLY B 152 -53.58 -35.88 -16.46
C GLY B 152 -52.52 -34.94 -16.97
N THR B 153 -51.31 -35.05 -16.43
CA THR B 153 -50.16 -34.29 -16.89
C THR B 153 -49.05 -35.24 -17.33
N ALA B 154 -48.19 -34.74 -18.21
CA ALA B 154 -47.09 -35.54 -18.73
C ALA B 154 -45.85 -34.66 -18.87
N ALA B 155 -44.69 -35.30 -18.93
CA ALA B 155 -43.41 -34.62 -19.05
C ALA B 155 -42.70 -35.06 -20.31
N LEU B 156 -42.12 -34.10 -21.03
CA LEU B 156 -41.43 -34.33 -22.29
C LEU B 156 -40.10 -33.59 -22.25
N GLY B 157 -39.03 -34.23 -22.74
CA GLY B 157 -37.71 -33.67 -22.57
C GLY B 157 -36.88 -33.70 -23.83
N CYS B 158 -35.77 -32.98 -23.76
CA CYS B 158 -34.80 -32.85 -24.84
C CYS B 158 -33.41 -32.97 -24.25
N LEU B 159 -32.67 -34.00 -24.66
CA LEU B 159 -31.35 -34.29 -24.12
C LEU B 159 -30.26 -33.78 -25.05
N VAL B 160 -29.18 -33.31 -24.46
CA VAL B 160 -28.01 -32.82 -25.20
C VAL B 160 -26.79 -33.53 -24.63
N LYS B 161 -25.96 -34.08 -25.50
CA LYS B 161 -24.80 -34.84 -25.04
C LYS B 161 -23.61 -34.57 -25.93
N ASP B 162 -22.42 -34.69 -25.35
CA ASP B 162 -21.16 -34.66 -26.08
C ASP B 162 -20.96 -33.33 -26.80
N TYR B 163 -20.96 -32.25 -26.03
CA TYR B 163 -20.67 -30.92 -26.54
C TYR B 163 -19.53 -30.30 -25.75
N PHE B 164 -18.87 -29.35 -26.38
CA PHE B 164 -17.72 -28.69 -25.79
C PHE B 164 -17.34 -27.46 -26.60
N PRO B 165 -16.96 -26.34 -25.97
CA PRO B 165 -17.02 -26.06 -24.54
C PRO B 165 -18.11 -25.05 -24.16
N GLU B 166 -18.62 -24.31 -25.14
CA GLU B 166 -19.52 -23.21 -24.88
C GLU B 166 -20.85 -23.73 -24.32
N PRO B 167 -21.48 -23.02 -23.39
CA PRO B 167 -22.79 -23.44 -22.89
C PRO B 167 -23.82 -23.58 -24.01
N VAL B 168 -24.27 -24.81 -24.24
CA VAL B 168 -25.30 -25.08 -25.23
C VAL B 168 -26.62 -24.57 -24.69
N THR B 169 -27.20 -23.57 -25.35
CA THR B 169 -28.46 -23.01 -24.92
C THR B 169 -29.62 -23.73 -25.60
N VAL B 170 -30.76 -23.77 -24.91
CA VAL B 170 -31.92 -24.50 -25.40
C VAL B 170 -33.13 -23.58 -25.37
N SER B 171 -34.10 -23.91 -26.23
CA SER B 171 -35.36 -23.19 -26.28
C SER B 171 -36.41 -24.13 -26.82
N TRP B 172 -37.67 -23.78 -26.60
CA TRP B 172 -38.79 -24.61 -27.04
C TRP B 172 -39.75 -23.76 -27.86
N ASN B 173 -40.10 -24.27 -29.04
CA ASN B 173 -40.94 -23.53 -30.00
C ASN B 173 -40.36 -22.16 -30.31
N SER B 174 -39.03 -22.09 -30.40
CA SER B 174 -38.32 -20.85 -30.69
C SER B 174 -38.69 -19.75 -29.70
N GLY B 175 -38.73 -20.11 -28.43
CA GLY B 175 -39.02 -19.16 -27.37
C GLY B 175 -40.49 -18.93 -27.09
N ALA B 176 -41.38 -19.73 -27.68
CA ALA B 176 -42.81 -19.55 -27.49
C ALA B 176 -43.36 -20.37 -26.33
N LEU B 177 -42.52 -21.08 -25.59
CA LEU B 177 -42.95 -21.89 -24.46
C LEU B 177 -42.00 -21.64 -23.29
N THR B 178 -42.54 -21.19 -22.17
CA THR B 178 -41.74 -20.97 -20.98
C THR B 178 -42.43 -21.45 -19.70
N SER B 179 -43.64 -21.98 -19.77
CA SER B 179 -44.36 -22.43 -18.59
C SER B 179 -43.88 -23.81 -18.21
N GLY B 180 -43.25 -23.93 -17.05
CA GLY B 180 -42.79 -25.22 -16.54
C GLY B 180 -41.69 -25.86 -17.35
N VAL B 181 -40.68 -25.09 -17.75
CA VAL B 181 -39.53 -25.61 -18.49
C VAL B 181 -38.31 -25.51 -17.60
N HIS B 182 -37.64 -26.64 -17.41
CA HIS B 182 -36.44 -26.72 -16.58
C HIS B 182 -35.24 -27.12 -17.43
N THR B 183 -34.12 -26.44 -17.24
CA THR B 183 -32.87 -26.76 -17.92
C THR B 183 -31.80 -26.99 -16.85
N PHE B 184 -31.49 -28.26 -16.62
CA PHE B 184 -30.55 -28.61 -15.56
C PHE B 184 -29.14 -28.15 -15.92
N PRO B 185 -28.29 -27.91 -14.91
CA PRO B 185 -26.92 -27.50 -15.20
C PRO B 185 -26.13 -28.59 -15.89
N ALA B 186 -25.12 -28.16 -16.64
CA ALA B 186 -24.28 -29.11 -17.38
C ALA B 186 -23.53 -30.01 -16.42
N VAL B 187 -23.38 -31.27 -16.81
CA VAL B 187 -22.67 -32.28 -16.03
C VAL B 187 -21.47 -32.74 -16.84
N LEU B 188 -20.29 -32.66 -16.23
CA LEU B 188 -19.06 -33.07 -16.90
C LEU B 188 -18.95 -34.59 -16.84
N GLN B 189 -19.01 -35.23 -18.00
CA GLN B 189 -18.93 -36.68 -18.07
C GLN B 189 -17.48 -37.15 -17.94
N SER B 190 -17.31 -38.46 -17.76
CA SER B 190 -15.98 -39.03 -17.61
C SER B 190 -15.16 -38.94 -18.90
N SER B 191 -15.81 -38.77 -20.05
CA SER B 191 -15.10 -38.68 -21.32
C SER B 191 -14.57 -37.28 -21.61
N GLY B 192 -14.89 -36.30 -20.77
CA GLY B 192 -14.51 -34.93 -21.00
C GLY B 192 -15.59 -34.06 -21.63
N LEU B 193 -16.60 -34.68 -22.22
CA LEU B 193 -17.71 -33.95 -22.83
C LEU B 193 -18.79 -33.66 -21.78
N TYR B 194 -19.70 -32.78 -22.14
CA TYR B 194 -20.76 -32.34 -21.24
C TYR B 194 -22.11 -32.90 -21.67
N SER B 195 -23.01 -33.02 -20.70
CA SER B 195 -24.38 -33.42 -20.96
C SER B 195 -25.32 -32.44 -20.28
N LEU B 196 -26.54 -32.36 -20.80
CA LEU B 196 -27.53 -31.40 -20.34
C LEU B 196 -28.90 -31.92 -20.72
N SER B 197 -29.91 -31.46 -20.00
CA SER B 197 -31.27 -31.89 -20.29
C SER B 197 -32.22 -30.72 -20.11
N SER B 198 -33.33 -30.77 -20.83
CA SER B 198 -34.42 -29.81 -20.65
C SER B 198 -35.73 -30.59 -20.58
N VAL B 199 -36.65 -30.14 -19.75
CA VAL B 199 -37.92 -30.84 -19.57
C VAL B 199 -39.05 -29.82 -19.49
N VAL B 200 -40.23 -30.25 -19.91
CA VAL B 200 -41.46 -29.46 -19.84
C VAL B 200 -42.59 -30.37 -19.38
N THR B 201 -43.40 -29.88 -18.45
CA THR B 201 -44.57 -30.62 -17.97
C THR B 201 -45.82 -30.13 -18.70
N VAL B 202 -45.88 -30.45 -19.99
CA VAL B 202 -46.96 -30.04 -20.87
C VAL B 202 -48.19 -30.92 -20.61
N PRO B 203 -49.41 -30.42 -20.87
CA PRO B 203 -50.60 -31.25 -20.62
C PRO B 203 -50.61 -32.52 -21.46
N SER B 204 -51.24 -33.56 -20.91
CA SER B 204 -51.22 -34.89 -21.50
C SER B 204 -52.45 -35.19 -22.34
N SER B 205 -53.18 -34.16 -22.78
CA SER B 205 -54.34 -34.36 -23.66
C SER B 205 -53.86 -34.36 -25.11
N SER B 206 -53.25 -35.48 -25.50
CA SER B 206 -52.55 -35.62 -26.77
C SER B 206 -51.49 -34.54 -26.94
N LEU B 207 -50.98 -34.03 -25.81
CA LEU B 207 -50.03 -32.92 -25.78
C LEU B 207 -50.56 -31.71 -26.54
N GLY B 208 -51.87 -31.52 -26.48
CA GLY B 208 -52.53 -30.42 -27.18
C GLY B 208 -52.56 -30.54 -28.68
N THR B 209 -52.16 -31.69 -29.23
CA THR B 209 -52.10 -31.91 -30.68
C THR B 209 -51.26 -30.84 -31.36
N GLN B 210 -50.22 -30.37 -30.68
CA GLN B 210 -49.33 -29.35 -31.19
C GLN B 210 -47.92 -29.91 -31.32
N THR B 211 -47.24 -29.54 -32.40
CA THR B 211 -45.86 -29.95 -32.60
C THR B 211 -44.95 -29.27 -31.58
N TYR B 212 -44.05 -30.05 -30.99
CA TYR B 212 -43.07 -29.56 -30.02
C TYR B 212 -41.68 -29.61 -30.64
N ILE B 213 -41.01 -28.46 -30.64
CA ILE B 213 -39.72 -28.30 -31.30
C ILE B 213 -38.72 -27.85 -30.25
N CYS B 214 -37.63 -28.61 -30.12
CA CYS B 214 -36.52 -28.28 -29.23
C CYS B 214 -35.40 -27.68 -30.08
N ASN B 215 -35.05 -26.42 -29.82
CA ASN B 215 -34.03 -25.72 -30.57
C ASN B 215 -32.78 -25.59 -29.70
N VAL B 216 -31.63 -25.94 -30.26
CA VAL B 216 -30.37 -26.03 -29.54
C VAL B 216 -29.35 -25.16 -30.24
N ASN B 217 -28.64 -24.34 -29.47
CA ASN B 217 -27.63 -23.43 -30.01
C ASN B 217 -26.29 -23.69 -29.34
N HIS B 218 -25.26 -23.87 -30.16
CA HIS B 218 -23.88 -24.04 -29.71
C HIS B 218 -23.02 -23.10 -30.52
N LYS B 219 -22.52 -22.05 -29.88
CA LYS B 219 -21.91 -20.93 -30.60
C LYS B 219 -20.67 -21.29 -31.40
N PRO B 220 -19.66 -22.00 -30.85
CA PRO B 220 -18.45 -22.28 -31.66
C PRO B 220 -18.74 -23.05 -32.93
N SER B 221 -19.70 -23.96 -32.90
CA SER B 221 -20.15 -24.65 -34.11
C SER B 221 -21.27 -23.91 -34.83
N ASN B 222 -21.76 -22.82 -34.24
CA ASN B 222 -22.86 -22.01 -34.78
C ASN B 222 -23.95 -22.88 -35.39
N THR B 223 -24.37 -23.89 -34.64
CA THR B 223 -25.31 -24.90 -35.10
C THR B 223 -26.65 -24.69 -34.39
N LYS B 224 -27.67 -24.31 -35.15
CA LYS B 224 -29.03 -24.16 -34.62
C LYS B 224 -29.72 -25.52 -34.78
N VAL B 225 -29.37 -26.45 -33.87
CA VAL B 225 -29.95 -27.78 -33.93
C VAL B 225 -31.44 -27.71 -33.65
N ASP B 226 -32.23 -28.38 -34.48
CA ASP B 226 -33.68 -28.39 -34.37
C ASP B 226 -34.14 -29.85 -34.32
N LYS B 227 -34.87 -30.19 -33.26
CA LYS B 227 -35.36 -31.55 -33.08
C LYS B 227 -36.85 -31.52 -32.78
N LYS B 228 -37.65 -32.16 -33.64
CA LYS B 228 -39.08 -32.27 -33.40
C LYS B 228 -39.31 -33.44 -32.44
N VAL B 229 -39.62 -33.13 -31.20
CA VAL B 229 -39.82 -34.16 -30.18
C VAL B 229 -41.26 -34.64 -30.26
N GLU B 230 -41.45 -35.91 -30.59
CA GLU B 230 -42.77 -36.45 -30.86
C GLU B 230 -43.05 -37.66 -29.98
N PRO B 231 -44.30 -37.89 -29.59
CA PRO B 231 -44.61 -39.04 -28.73
C PRO B 231 -44.42 -40.35 -29.49
N LYS B 232 -43.67 -41.26 -28.87
CA LYS B 232 -43.39 -42.55 -29.49
C LYS B 232 -44.66 -43.38 -29.63
N MET C 5 -14.08 -21.97 8.72
CA MET C 5 -13.67 -23.22 9.32
C MET C 5 -14.81 -24.24 9.33
N THR C 6 -15.39 -24.46 10.51
CA THR C 6 -16.50 -25.41 10.67
C THR C 6 -17.80 -24.61 10.74
N GLN C 7 -18.38 -24.32 9.58
CA GLN C 7 -19.67 -23.64 9.51
C GLN C 7 -20.75 -24.70 9.63
N SER C 8 -21.17 -24.95 10.87
CA SER C 8 -22.07 -26.07 11.15
C SER C 8 -23.41 -25.97 10.44
N PRO C 9 -24.14 -24.84 10.49
CA PRO C 9 -25.44 -24.84 9.79
C PRO C 9 -25.30 -24.59 8.29
N SER C 10 -24.82 -25.63 7.58
CA SER C 10 -24.55 -25.51 6.15
C SER C 10 -25.80 -25.29 5.32
N SER C 11 -26.98 -25.49 5.88
CA SER C 11 -28.23 -25.17 5.21
C SER C 11 -29.20 -24.60 6.23
N LEU C 12 -29.86 -23.50 5.88
CA LEU C 12 -30.82 -22.84 6.75
C LEU C 12 -32.10 -22.59 5.99
N SER C 13 -33.19 -23.24 6.43
CA SER C 13 -34.50 -23.03 5.83
C SER C 13 -35.20 -21.91 6.61
N ALA C 14 -34.86 -20.68 6.26
CA ALA C 14 -35.35 -19.51 6.96
C ALA C 14 -36.45 -18.83 6.16
N SER C 15 -37.44 -18.28 6.87
CA SER C 15 -38.57 -17.62 6.24
C SER C 15 -38.26 -16.13 6.08
N VAL C 16 -39.27 -15.34 5.74
CA VAL C 16 -39.13 -13.91 5.51
C VAL C 16 -39.50 -13.17 6.79
N GLY C 17 -38.65 -12.24 7.21
CA GLY C 17 -38.91 -11.48 8.42
C GLY C 17 -38.53 -12.19 9.70
N ASP C 18 -37.72 -13.23 9.62
CA ASP C 18 -37.31 -14.00 10.79
C ASP C 18 -35.85 -13.72 11.12
N ARG C 19 -35.50 -13.97 12.38
CA ARG C 19 -34.13 -13.80 12.86
C ARG C 19 -33.36 -15.08 12.67
N VAL C 20 -32.18 -14.99 12.07
CA VAL C 20 -31.38 -16.17 11.76
C VAL C 20 -30.01 -16.03 12.39
N THR C 21 -29.36 -17.16 12.65
CA THR C 21 -28.04 -17.17 13.25
C THR C 21 -27.25 -18.37 12.74
N ILE C 22 -26.00 -18.13 12.34
CA ILE C 22 -25.11 -19.18 11.88
C ILE C 22 -23.80 -19.08 12.67
N THR C 23 -23.07 -20.18 12.73
CA THR C 23 -21.89 -20.26 13.58
C THR C 23 -20.71 -20.86 12.83
N CYS C 24 -19.54 -20.31 13.08
CA CYS C 24 -18.27 -20.76 12.53
C CYS C 24 -17.40 -21.19 13.69
N ARG C 25 -17.01 -22.46 13.72
CA ARG C 25 -16.22 -23.03 14.81
C ARG C 25 -14.79 -23.18 14.34
N ALA C 26 -13.90 -22.36 14.88
CA ALA C 26 -12.48 -22.46 14.55
C ALA C 26 -11.93 -23.76 15.12
N SER C 27 -11.68 -24.74 14.25
CA SER C 27 -11.26 -26.06 14.72
C SER C 27 -9.76 -26.10 14.98
N GLN C 28 -9.27 -25.13 15.76
CA GLN C 28 -7.87 -25.04 16.16
C GLN C 28 -7.74 -23.91 17.16
N SER C 29 -6.80 -24.07 18.09
CA SER C 29 -6.52 -23.02 19.08
C SER C 29 -5.61 -21.96 18.48
N VAL C 30 -6.01 -21.39 17.34
CA VAL C 30 -5.26 -20.34 16.67
C VAL C 30 -6.04 -19.04 16.83
N SER C 31 -5.34 -17.98 17.26
CA SER C 31 -5.97 -16.70 17.52
C SER C 31 -6.09 -15.92 16.21
N SER C 32 -7.32 -15.80 15.72
CA SER C 32 -7.60 -14.94 14.57
C SER C 32 -9.09 -14.70 14.53
N ALA C 33 -9.51 -13.44 14.57
CA ALA C 33 -10.92 -13.12 14.48
C ALA C 33 -11.46 -13.53 13.11
N VAL C 34 -12.73 -13.87 13.07
CA VAL C 34 -13.36 -14.39 11.87
C VAL C 34 -14.00 -13.23 11.11
N ALA C 35 -13.74 -13.15 9.81
CA ALA C 35 -14.37 -12.16 8.95
C ALA C 35 -15.43 -12.84 8.11
N TRP C 36 -16.64 -12.27 8.08
CA TRP C 36 -17.78 -12.89 7.43
C TRP C 36 -18.03 -12.23 6.08
N TYR C 37 -18.06 -13.05 5.03
CA TYR C 37 -18.31 -12.64 3.66
C TYR C 37 -19.64 -13.21 3.18
N GLN C 38 -20.24 -12.54 2.20
CA GLN C 38 -21.48 -12.98 1.58
C GLN C 38 -21.27 -13.07 0.07
N GLN C 39 -21.71 -14.17 -0.52
CA GLN C 39 -21.64 -14.37 -1.96
C GLN C 39 -23.02 -14.72 -2.49
N LYS C 40 -23.48 -13.96 -3.48
CA LYS C 40 -24.70 -14.25 -4.20
C LYS C 40 -24.48 -15.40 -5.18
N PRO C 41 -25.55 -16.07 -5.61
CA PRO C 41 -25.36 -17.23 -6.48
C PRO C 41 -24.90 -16.85 -7.88
N GLY C 42 -23.60 -16.61 -8.05
CA GLY C 42 -23.05 -16.39 -9.37
C GLY C 42 -22.02 -15.28 -9.47
N LYS C 43 -22.12 -14.27 -8.62
CA LYS C 43 -21.26 -13.10 -8.70
C LYS C 43 -20.15 -13.16 -7.67
N ALA C 44 -19.37 -12.09 -7.57
CA ALA C 44 -18.26 -12.05 -6.63
C ALA C 44 -18.77 -11.88 -5.20
N PRO C 45 -18.03 -12.39 -4.22
CA PRO C 45 -18.46 -12.24 -2.82
C PRO C 45 -18.20 -10.85 -2.27
N LYS C 46 -19.03 -10.46 -1.32
CA LYS C 46 -18.93 -9.18 -0.64
C LYS C 46 -18.59 -9.38 0.83
N LEU C 47 -17.92 -8.39 1.41
CA LEU C 47 -17.52 -8.43 2.81
C LEU C 47 -18.65 -7.86 3.67
N LEU C 48 -18.98 -8.58 4.75
CA LEU C 48 -20.03 -8.18 5.66
C LEU C 48 -19.49 -7.73 7.01
N ILE C 49 -18.72 -8.59 7.68
CA ILE C 49 -18.27 -8.33 9.04
C ILE C 49 -16.76 -8.52 9.10
N TYR C 50 -16.06 -7.62 9.79
CA TYR C 50 -14.65 -7.80 10.04
C TYR C 50 -14.39 -7.70 11.53
N SER C 51 -13.36 -8.41 11.98
CA SER C 51 -12.96 -8.50 13.39
C SER C 51 -14.02 -9.15 14.26
N ALA C 52 -14.97 -9.87 13.65
CA ALA C 52 -15.97 -10.69 14.32
C ALA C 52 -17.02 -9.87 15.04
N SER C 53 -16.84 -8.55 15.12
CA SER C 53 -17.86 -7.71 15.74
C SER C 53 -18.14 -6.42 14.98
N SER C 54 -17.23 -5.92 14.14
CA SER C 54 -17.43 -4.64 13.48
C SER C 54 -18.45 -4.79 12.35
N LEU C 55 -18.69 -3.68 11.66
CA LEU C 55 -19.69 -3.64 10.60
C LEU C 55 -19.11 -2.88 9.42
N TYR C 56 -19.01 -3.54 8.28
CA TYR C 56 -18.47 -2.90 7.09
C TYR C 56 -19.40 -1.81 6.59
N SER C 57 -18.83 -0.69 6.18
CA SER C 57 -19.63 0.48 5.79
C SER C 57 -20.41 0.19 4.52
N GLY C 58 -21.73 0.21 4.62
CA GLY C 58 -22.57 -0.03 3.47
C GLY C 58 -23.60 -1.12 3.71
N VAL C 59 -23.25 -2.09 4.57
CA VAL C 59 -24.16 -3.20 4.86
C VAL C 59 -25.24 -2.70 5.81
N PRO C 60 -26.44 -3.27 5.77
CA PRO C 60 -27.51 -2.81 6.68
C PRO C 60 -27.19 -3.13 8.13
N SER C 61 -27.91 -2.46 9.02
CA SER C 61 -27.72 -2.66 10.46
C SER C 61 -28.23 -4.01 10.94
N ARG C 62 -28.92 -4.77 10.09
CA ARG C 62 -29.43 -6.07 10.50
C ARG C 62 -28.30 -7.03 10.87
N PHE C 63 -27.24 -7.06 10.06
CA PHE C 63 -26.16 -8.01 10.29
C PHE C 63 -25.40 -7.63 11.56
N SER C 64 -25.18 -8.62 12.42
CA SER C 64 -24.41 -8.41 13.64
C SER C 64 -23.52 -9.61 13.87
N GLY C 65 -22.38 -9.37 14.53
CA GLY C 65 -21.45 -10.43 14.83
C GLY C 65 -21.24 -10.61 16.32
N SER C 66 -20.81 -11.79 16.74
CA SER C 66 -20.54 -12.06 18.14
C SER C 66 -19.55 -13.21 18.21
N ARG C 67 -18.95 -13.39 19.39
CA ARG C 67 -18.02 -14.49 19.62
C ARG C 67 -18.35 -15.11 20.98
N SER C 68 -19.18 -16.14 20.97
CA SER C 68 -19.56 -16.85 22.19
C SER C 68 -18.56 -17.97 22.44
N GLY C 69 -17.88 -17.90 23.58
CA GLY C 69 -16.88 -18.92 23.90
C GLY C 69 -15.73 -18.87 22.92
N THR C 70 -15.54 -19.97 22.18
CA THR C 70 -14.49 -20.06 21.18
C THR C 70 -15.03 -20.09 19.75
N ASP C 71 -16.34 -20.07 19.57
CA ASP C 71 -16.96 -20.01 18.26
C ASP C 71 -17.33 -18.57 17.92
N PHE C 72 -17.61 -18.33 16.64
CA PHE C 72 -18.00 -17.01 16.16
C PHE C 72 -19.36 -17.11 15.49
N THR C 73 -20.32 -16.31 15.96
CA THR C 73 -21.67 -16.35 15.43
C THR C 73 -21.99 -15.09 14.64
N LEU C 74 -22.78 -15.25 13.60
CA LEU C 74 -23.34 -14.14 12.84
C LEU C 74 -24.86 -14.21 12.90
N THR C 75 -25.50 -13.07 13.14
CA THR C 75 -26.95 -13.02 13.30
C THR C 75 -27.54 -11.98 12.36
N ILE C 76 -28.74 -12.25 11.89
CA ILE C 76 -29.53 -11.33 11.09
C ILE C 76 -30.87 -11.15 11.81
N SER C 77 -31.17 -9.91 12.20
CA SER C 77 -32.35 -9.65 13.02
C SER C 77 -33.63 -9.88 12.23
N SER C 78 -33.72 -9.31 11.03
CA SER C 78 -34.85 -9.53 10.14
C SER C 78 -34.33 -9.92 8.77
N LEU C 79 -34.99 -10.88 8.14
CA LEU C 79 -34.51 -11.45 6.89
C LEU C 79 -35.39 -10.95 5.75
N GLN C 80 -34.96 -9.85 5.13
CA GLN C 80 -35.61 -9.35 3.93
C GLN C 80 -35.31 -10.28 2.75
N PRO C 81 -36.11 -10.23 1.68
CA PRO C 81 -35.92 -11.17 0.58
C PRO C 81 -34.63 -10.92 -0.21
N GLU C 82 -33.79 -10.02 0.28
CA GLU C 82 -32.53 -9.71 -0.37
C GLU C 82 -31.36 -10.52 0.18
N ASP C 83 -31.41 -10.92 1.45
CA ASP C 83 -30.31 -11.62 2.10
C ASP C 83 -30.43 -13.14 1.96
N PHE C 84 -30.61 -13.60 0.73
CA PHE C 84 -30.68 -15.02 0.41
C PHE C 84 -29.47 -15.37 -0.44
N ALA C 85 -28.37 -15.73 0.22
CA ALA C 85 -27.11 -16.02 -0.45
C ALA C 85 -26.33 -16.99 0.42
N THR C 86 -25.06 -17.20 0.09
CA THR C 86 -24.21 -18.07 0.90
C THR C 86 -23.21 -17.23 1.67
N TYR C 87 -22.84 -17.70 2.86
CA TYR C 87 -21.99 -16.93 3.76
C TYR C 87 -20.78 -17.75 4.16
N TYR C 88 -19.61 -17.10 4.18
CA TYR C 88 -18.35 -17.75 4.48
C TYR C 88 -17.66 -17.03 5.63
N CYS C 89 -16.88 -17.78 6.40
CA CYS C 89 -16.07 -17.22 7.48
C CYS C 89 -14.60 -17.43 7.18
N GLN C 90 -13.81 -16.37 7.33
CA GLN C 90 -12.40 -16.39 7.04
C GLN C 90 -11.59 -16.23 8.31
N GLN C 91 -10.51 -17.02 8.42
CA GLN C 91 -9.59 -16.97 9.55
C GLN C 91 -8.17 -17.01 8.99
N SER C 92 -7.20 -16.73 9.85
CA SER C 92 -5.80 -16.75 9.47
C SER C 92 -5.02 -17.71 10.36
N SER C 93 -4.13 -18.49 9.75
CA SER C 93 -3.27 -19.43 10.46
C SER C 93 -1.83 -19.10 10.06
N SER C 94 -1.13 -18.37 10.93
CA SER C 94 0.25 -17.95 10.70
C SER C 94 0.34 -17.09 9.44
N SER C 95 0.28 -17.72 8.27
CA SER C 95 0.34 -16.98 7.02
C SER C 95 -0.62 -17.51 5.96
N LEU C 96 -1.57 -18.36 6.31
CA LEU C 96 -2.50 -18.93 5.35
C LEU C 96 -3.92 -18.55 5.73
N ILE C 97 -4.68 -18.05 4.77
CA ILE C 97 -6.08 -17.68 4.98
C ILE C 97 -6.95 -18.88 4.69
N THR C 98 -7.85 -19.19 5.61
CA THR C 98 -8.74 -20.34 5.49
C THR C 98 -10.19 -19.86 5.51
N PHE C 99 -10.97 -20.30 4.53
CA PHE C 99 -12.40 -20.03 4.51
C PHE C 99 -13.13 -21.17 5.20
N GLY C 100 -14.45 -21.21 5.07
CA GLY C 100 -15.27 -22.21 5.70
C GLY C 100 -15.93 -23.14 4.68
N GLN C 101 -16.60 -24.16 5.21
CA GLN C 101 -17.34 -25.08 4.37
C GLN C 101 -18.43 -24.36 3.58
N GLY C 102 -19.02 -23.33 4.16
CA GLY C 102 -20.08 -22.58 3.50
C GLY C 102 -21.42 -22.75 4.17
N THR C 103 -22.24 -21.71 4.15
CA THR C 103 -23.57 -21.74 4.74
C THR C 103 -24.54 -21.09 3.78
N LYS C 104 -25.53 -21.85 3.32
CA LYS C 104 -26.51 -21.36 2.35
C LYS C 104 -27.88 -21.31 3.01
N VAL C 105 -28.59 -20.20 2.81
CA VAL C 105 -29.92 -20.05 3.34
C VAL C 105 -30.93 -20.52 2.30
N GLU C 106 -32.13 -20.86 2.76
CA GLU C 106 -33.13 -21.50 1.92
C GLU C 106 -34.51 -20.98 2.33
N ILE C 107 -35.37 -20.78 1.34
CA ILE C 107 -36.71 -20.27 1.60
C ILE C 107 -37.59 -21.41 2.12
N LYS C 108 -38.14 -21.22 3.32
CA LYS C 108 -39.00 -22.24 3.91
C LYS C 108 -40.29 -22.37 3.11
N ARG C 109 -40.80 -23.60 3.03
CA ARG C 109 -41.98 -23.91 2.23
C ARG C 109 -42.48 -25.28 2.64
N THR C 110 -43.77 -25.53 2.37
CA THR C 110 -44.36 -26.80 2.70
C THR C 110 -43.76 -27.92 1.86
N VAL C 111 -43.55 -29.09 2.49
CA VAL C 111 -42.94 -30.22 1.82
C VAL C 111 -43.88 -30.75 0.74
N ALA C 112 -43.33 -31.01 -0.44
CA ALA C 112 -44.08 -31.55 -1.57
C ALA C 112 -43.43 -32.84 -2.06
N ALA C 113 -44.26 -33.82 -2.37
CA ALA C 113 -43.75 -35.09 -2.89
C ALA C 113 -43.43 -34.95 -4.38
N PRO C 114 -42.24 -35.38 -4.80
CA PRO C 114 -41.89 -35.25 -6.22
C PRO C 114 -42.69 -36.21 -7.09
N SER C 115 -42.92 -35.77 -8.33
CA SER C 115 -43.49 -36.63 -9.36
C SER C 115 -42.34 -37.16 -10.21
N VAL C 116 -42.35 -38.47 -10.45
CA VAL C 116 -41.23 -39.17 -11.08
C VAL C 116 -41.65 -39.59 -12.49
N PHE C 117 -40.78 -39.33 -13.46
CA PHE C 117 -41.00 -39.75 -14.83
C PHE C 117 -39.76 -40.46 -15.35
N ILE C 118 -39.97 -41.46 -16.21
CA ILE C 118 -38.91 -42.31 -16.71
C ILE C 118 -38.89 -42.23 -18.23
N PHE C 119 -37.70 -41.99 -18.80
CA PHE C 119 -37.51 -41.91 -20.24
C PHE C 119 -36.48 -42.95 -20.68
N PRO C 120 -36.88 -43.95 -21.44
CA PRO C 120 -35.93 -44.93 -21.96
C PRO C 120 -35.11 -44.33 -23.08
N PRO C 121 -33.96 -44.94 -23.43
CA PRO C 121 -33.19 -44.43 -24.56
C PRO C 121 -33.97 -44.53 -25.86
N SER C 122 -33.77 -43.55 -26.72
CA SER C 122 -34.49 -43.47 -27.99
C SER C 122 -33.78 -44.31 -29.06
N ASP C 123 -34.54 -44.67 -30.09
CA ASP C 123 -33.99 -45.49 -31.17
C ASP C 123 -32.89 -44.77 -31.93
N SER C 124 -32.90 -43.43 -31.91
CA SER C 124 -31.86 -42.68 -32.60
C SER C 124 -30.50 -42.85 -31.93
N GLN C 125 -30.48 -43.08 -30.62
CA GLN C 125 -29.23 -43.28 -29.91
C GLN C 125 -28.62 -44.65 -30.17
N LEU C 126 -29.44 -45.63 -30.57
CA LEU C 126 -28.93 -46.98 -30.76
C LEU C 126 -27.90 -47.03 -31.88
N LYS C 127 -28.12 -46.27 -32.96
CA LYS C 127 -27.18 -46.26 -34.07
C LYS C 127 -25.80 -45.78 -33.63
N SER C 128 -25.75 -44.84 -32.70
CA SER C 128 -24.46 -44.39 -32.18
C SER C 128 -23.74 -45.50 -31.41
N GLY C 129 -24.48 -46.29 -30.65
CA GLY C 129 -23.92 -47.43 -29.94
C GLY C 129 -23.97 -47.33 -28.42
N THR C 130 -24.35 -46.18 -27.85
CA THR C 130 -24.46 -46.02 -26.41
C THR C 130 -25.87 -45.52 -26.08
N ALA C 131 -26.49 -46.13 -25.08
CA ALA C 131 -27.87 -45.81 -24.70
C ALA C 131 -27.90 -45.22 -23.30
N SER C 132 -28.66 -44.13 -23.15
CA SER C 132 -28.83 -43.45 -21.88
C SER C 132 -30.29 -43.49 -21.46
N VAL C 133 -30.53 -43.93 -20.22
CA VAL C 133 -31.86 -44.02 -19.65
C VAL C 133 -31.95 -43.05 -18.50
N VAL C 134 -32.99 -42.21 -18.48
CA VAL C 134 -33.06 -41.12 -17.51
C VAL C 134 -34.35 -41.22 -16.71
N CYS C 135 -34.28 -40.81 -15.44
CA CYS C 135 -35.48 -40.60 -14.65
C CYS C 135 -35.39 -39.26 -13.94
N LEU C 136 -36.47 -38.51 -13.97
CA LEU C 136 -36.52 -37.17 -13.40
C LEU C 136 -37.56 -37.10 -12.29
N LEU C 137 -37.27 -36.25 -11.31
CA LEU C 137 -38.17 -35.95 -10.19
C LEU C 137 -38.48 -34.46 -10.22
N ASN C 138 -39.74 -34.12 -10.06
CA ASN C 138 -40.19 -32.74 -10.22
C ASN C 138 -41.06 -32.32 -9.03
N ASN C 139 -40.95 -31.04 -8.66
CA ASN C 139 -41.82 -30.39 -7.68
C ASN C 139 -41.73 -31.08 -6.31
N PHE C 140 -40.55 -30.96 -5.69
CA PHE C 140 -40.33 -31.41 -4.32
C PHE C 140 -39.58 -30.33 -3.56
N TYR C 141 -39.78 -30.28 -2.23
CA TYR C 141 -39.04 -29.34 -1.39
C TYR C 141 -38.84 -29.84 0.03
N PRO C 142 -38.05 -30.86 0.21
CA PRO C 142 -36.75 -30.67 0.84
C PRO C 142 -35.73 -30.62 -0.29
N ARG C 143 -34.45 -30.34 -0.03
CA ARG C 143 -33.50 -30.47 -1.12
C ARG C 143 -32.96 -31.88 -1.26
N GLU C 144 -33.24 -32.76 -0.30
CA GLU C 144 -32.71 -34.11 -0.31
C GLU C 144 -33.63 -35.05 -1.08
N ALA C 145 -33.03 -36.12 -1.62
CA ALA C 145 -33.74 -37.20 -2.29
C ALA C 145 -32.75 -38.29 -2.60
N LYS C 146 -33.25 -39.52 -2.69
CA LYS C 146 -32.42 -40.67 -3.07
C LYS C 146 -32.96 -41.30 -4.34
N VAL C 147 -32.09 -41.48 -5.33
CA VAL C 147 -32.42 -42.10 -6.60
C VAL C 147 -31.51 -43.31 -6.78
N GLN C 148 -32.11 -44.47 -7.05
CA GLN C 148 -31.35 -45.71 -7.20
C GLN C 148 -31.82 -46.44 -8.45
N TRP C 149 -30.90 -47.19 -9.05
CA TRP C 149 -31.15 -47.90 -10.30
C TRP C 149 -31.15 -49.41 -10.06
N LYS C 150 -32.10 -50.10 -10.68
CA LYS C 150 -32.23 -51.54 -10.52
C LYS C 150 -32.50 -52.15 -11.89
N VAL C 151 -31.58 -52.96 -12.38
CA VAL C 151 -31.72 -53.65 -13.66
C VAL C 151 -31.87 -55.14 -13.36
N ASP C 152 -33.05 -55.68 -13.65
CA ASP C 152 -33.38 -57.07 -13.32
C ASP C 152 -33.15 -57.34 -11.84
N ASN C 153 -33.60 -56.40 -11.00
CA ASN C 153 -33.47 -56.42 -9.55
C ASN C 153 -32.03 -56.36 -9.07
N ALA C 154 -31.09 -55.98 -9.94
CA ALA C 154 -29.69 -55.82 -9.55
C ALA C 154 -29.41 -54.33 -9.34
N LEU C 155 -28.79 -54.01 -8.21
CA LEU C 155 -28.53 -52.62 -7.84
C LEU C 155 -27.22 -52.18 -8.48
N GLN C 156 -27.31 -51.24 -9.43
CA GLN C 156 -26.12 -50.74 -10.10
C GLN C 156 -25.47 -49.63 -9.29
N SER C 157 -24.20 -49.37 -9.58
CA SER C 157 -23.47 -48.30 -8.93
C SER C 157 -22.26 -47.95 -9.79
N GLY C 158 -21.89 -46.66 -9.77
CA GLY C 158 -20.77 -46.17 -10.54
C GLY C 158 -21.06 -45.90 -12.00
N ASN C 159 -22.30 -46.10 -12.45
CA ASN C 159 -22.67 -45.89 -13.84
C ASN C 159 -23.68 -44.78 -14.04
N SER C 160 -24.26 -44.23 -12.98
CA SER C 160 -25.28 -43.19 -13.08
C SER C 160 -24.74 -41.85 -12.62
N GLN C 161 -25.36 -40.79 -13.10
CA GLN C 161 -24.97 -39.44 -12.72
C GLN C 161 -26.23 -38.56 -12.66
N GLU C 162 -26.33 -37.76 -11.62
CA GLU C 162 -27.53 -36.99 -11.35
C GLU C 162 -27.22 -35.50 -11.23
N SER C 163 -28.20 -34.68 -11.60
CA SER C 163 -28.10 -33.23 -11.52
C SER C 163 -29.39 -32.67 -10.96
N VAL C 164 -29.30 -31.50 -10.34
CA VAL C 164 -30.43 -30.85 -9.69
C VAL C 164 -30.43 -29.37 -10.05
N THR C 165 -31.62 -28.82 -10.26
CA THR C 165 -31.77 -27.43 -10.65
C THR C 165 -31.89 -26.53 -9.43
N GLU C 166 -31.59 -25.25 -9.63
CA GLU C 166 -31.71 -24.26 -8.56
C GLU C 166 -33.18 -24.01 -8.25
N GLN C 167 -33.43 -23.39 -7.09
CA GLN C 167 -34.80 -23.15 -6.66
C GLN C 167 -35.48 -22.16 -7.60
N ASP C 168 -36.78 -22.39 -7.84
CA ASP C 168 -37.55 -21.53 -8.72
C ASP C 168 -38.04 -20.29 -7.99
N SER C 169 -38.45 -19.28 -8.76
CA SER C 169 -38.94 -18.02 -8.21
C SER C 169 -40.45 -17.90 -8.29
N LYS C 170 -41.16 -18.98 -8.62
CA LYS C 170 -42.61 -18.97 -8.67
C LYS C 170 -43.25 -19.78 -7.54
N ASP C 171 -42.65 -20.92 -7.18
CA ASP C 171 -43.11 -21.66 -6.02
C ASP C 171 -41.96 -22.19 -5.17
N SER C 172 -40.73 -21.77 -5.44
CA SER C 172 -39.55 -22.15 -4.65
C SER C 172 -39.43 -23.66 -4.50
N THR C 173 -39.51 -24.36 -5.62
CA THR C 173 -39.46 -25.81 -5.67
C THR C 173 -38.14 -26.26 -6.28
N TYR C 174 -38.01 -27.56 -6.51
CA TYR C 174 -36.80 -28.15 -7.07
C TYR C 174 -37.17 -29.12 -8.19
N SER C 175 -36.13 -29.66 -8.84
CA SER C 175 -36.26 -30.72 -9.82
C SER C 175 -34.88 -31.30 -10.07
N LEU C 176 -34.83 -32.62 -10.27
CA LEU C 176 -33.56 -33.30 -10.53
C LEU C 176 -33.77 -34.38 -11.58
N SER C 177 -32.66 -34.87 -12.12
CA SER C 177 -32.70 -35.94 -13.10
C SER C 177 -31.43 -36.76 -13.01
N SER C 178 -31.58 -38.09 -13.14
CA SER C 178 -30.47 -39.03 -13.10
C SER C 178 -30.42 -39.78 -14.42
N THR C 179 -29.22 -39.90 -14.99
CA THR C 179 -29.01 -40.59 -16.26
C THR C 179 -28.04 -41.75 -16.06
N LEU C 180 -28.35 -42.87 -16.70
CA LEU C 180 -27.54 -44.08 -16.67
C LEU C 180 -27.12 -44.40 -18.09
N THR C 181 -25.82 -44.61 -18.29
CA THR C 181 -25.25 -44.84 -19.61
C THR C 181 -24.75 -46.27 -19.71
N LEU C 182 -25.17 -46.97 -20.77
CA LEU C 182 -24.77 -48.35 -20.98
C LEU C 182 -24.51 -48.59 -22.47
N SER C 183 -23.52 -49.43 -22.77
CA SER C 183 -23.26 -49.79 -24.15
C SER C 183 -24.40 -50.64 -24.70
N LYS C 184 -24.41 -50.81 -26.02
CA LYS C 184 -25.51 -51.53 -26.66
C LYS C 184 -25.57 -52.98 -26.21
N ALA C 185 -24.41 -53.63 -26.07
CA ALA C 185 -24.40 -55.04 -25.67
C ALA C 185 -25.01 -55.21 -24.29
N ASP C 186 -24.58 -54.40 -23.32
CA ASP C 186 -25.12 -54.53 -21.96
C ASP C 186 -26.59 -54.18 -21.93
N TYR C 187 -27.00 -53.17 -22.70
CA TYR C 187 -28.42 -52.81 -22.76
C TYR C 187 -29.25 -53.96 -23.31
N GLU C 188 -28.75 -54.64 -24.35
CA GLU C 188 -29.51 -55.73 -24.96
C GLU C 188 -29.52 -56.98 -24.08
N LYS C 189 -28.48 -57.18 -23.28
CA LYS C 189 -28.42 -58.38 -22.43
C LYS C 189 -29.54 -58.38 -21.41
N HIS C 190 -29.83 -57.23 -20.81
CA HIS C 190 -30.78 -57.15 -19.70
C HIS C 190 -32.21 -56.98 -20.21
N LYS C 191 -33.16 -57.10 -19.28
CA LYS C 191 -34.58 -57.12 -19.62
C LYS C 191 -35.35 -55.93 -19.06
N VAL C 192 -35.28 -55.69 -17.74
CA VAL C 192 -36.12 -54.72 -17.06
C VAL C 192 -35.24 -53.66 -16.42
N TYR C 193 -35.60 -52.39 -16.61
CA TYR C 193 -34.88 -51.26 -16.04
C TYR C 193 -35.81 -50.47 -15.15
N ALA C 194 -35.37 -50.16 -13.92
CA ALA C 194 -36.20 -49.46 -12.96
C ALA C 194 -35.40 -48.39 -12.24
N CYS C 195 -36.07 -47.29 -11.93
CA CYS C 195 -35.50 -46.20 -11.15
C CYS C 195 -36.42 -45.94 -9.96
N GLU C 196 -35.87 -46.03 -8.76
CA GLU C 196 -36.62 -45.84 -7.53
C GLU C 196 -36.17 -44.58 -6.83
N VAL C 197 -37.13 -43.86 -6.25
CA VAL C 197 -36.87 -42.61 -5.56
C VAL C 197 -37.45 -42.70 -4.15
N THR C 198 -36.65 -42.32 -3.16
CA THR C 198 -37.06 -42.23 -1.77
C THR C 198 -36.91 -40.78 -1.31
N HIS C 199 -37.91 -40.32 -0.54
CA HIS C 199 -37.98 -38.93 -0.14
C HIS C 199 -38.68 -38.83 1.20
N GLN C 200 -38.49 -37.68 1.87
CA GLN C 200 -39.14 -37.45 3.15
C GLN C 200 -40.63 -37.18 3.02
N GLY C 201 -41.07 -36.69 1.88
CA GLY C 201 -42.49 -36.50 1.65
C GLY C 201 -43.22 -37.73 1.18
N LEU C 202 -42.53 -38.87 1.11
CA LEU C 202 -43.10 -40.11 0.61
C LEU C 202 -43.17 -41.13 1.73
N SER C 203 -44.34 -41.77 1.89
CA SER C 203 -44.49 -42.81 2.89
C SER C 203 -43.62 -44.02 2.56
N SER C 204 -43.57 -44.40 1.28
CA SER C 204 -42.75 -45.51 0.82
C SER C 204 -42.05 -45.11 -0.48
N PRO C 205 -40.88 -45.68 -0.75
CA PRO C 205 -40.19 -45.37 -2.00
C PRO C 205 -41.02 -45.76 -3.21
N VAL C 206 -40.93 -44.95 -4.27
CA VAL C 206 -41.73 -45.16 -5.47
C VAL C 206 -40.79 -45.48 -6.62
N THR C 207 -41.12 -46.55 -7.35
CA THR C 207 -40.27 -47.07 -8.42
C THR C 207 -41.01 -47.01 -9.75
N LYS C 208 -40.31 -46.55 -10.79
CA LYS C 208 -40.81 -46.59 -12.15
C LYS C 208 -39.98 -47.59 -12.94
N SER C 209 -40.65 -48.57 -13.55
CA SER C 209 -39.97 -49.66 -14.23
C SER C 209 -40.49 -49.78 -15.66
N PHE C 210 -39.63 -50.30 -16.54
CA PHE C 210 -40.05 -50.57 -17.91
C PHE C 210 -39.25 -51.74 -18.47
N ASN C 211 -39.89 -52.49 -19.37
CA ASN C 211 -39.28 -53.63 -20.02
C ASN C 211 -39.05 -53.30 -21.49
N ARG C 212 -37.86 -53.59 -21.98
CA ARG C 212 -37.53 -53.35 -23.39
C ARG C 212 -38.11 -54.45 -24.28
N GLN D 1 8.47 -0.12 10.59
CA GLN D 1 9.08 -1.43 10.58
C GLN D 1 10.19 -1.50 11.62
N ARG D 2 11.31 -0.85 11.31
CA ARG D 2 12.45 -0.75 12.22
C ARG D 2 12.56 0.63 12.86
N GLN D 3 12.37 1.70 12.08
CA GLN D 3 12.51 3.05 12.63
C GLN D 3 11.44 3.31 13.69
N LEU D 4 10.19 2.96 13.40
CA LEU D 4 9.06 3.26 14.27
C LEU D 4 8.35 1.98 14.67
N VAL D 5 8.15 1.79 15.96
CA VAL D 5 7.45 0.62 16.49
C VAL D 5 6.25 1.11 17.28
N GLU D 6 5.05 0.74 16.83
CA GLU D 6 3.84 1.10 17.55
C GLU D 6 3.54 0.09 18.63
N SER D 7 2.88 0.55 19.68
CA SER D 7 2.55 -0.29 20.82
C SER D 7 1.21 0.17 21.39
N GLY D 8 0.37 -0.80 21.73
CA GLY D 8 -0.98 -0.53 22.17
C GLY D 8 -2.00 -1.19 21.27
N GLY D 9 -3.26 -0.99 21.61
CA GLY D 9 -4.35 -1.59 20.89
C GLY D 9 -5.07 -2.61 21.75
N GLY D 10 -6.01 -3.30 21.13
CA GLY D 10 -6.82 -4.27 21.82
C GLY D 10 -8.29 -3.91 21.74
N LEU D 11 -9.08 -4.62 22.55
CA LEU D 11 -10.52 -4.48 22.55
C LEU D 11 -10.91 -3.48 23.64
N VAL D 12 -11.42 -2.33 23.22
CA VAL D 12 -11.83 -1.25 24.12
C VAL D 12 -13.33 -1.10 24.02
N GLN D 13 -14.01 -1.19 25.15
CA GLN D 13 -15.45 -0.98 25.14
C GLN D 13 -15.77 0.47 24.78
N PRO D 14 -16.94 0.72 24.19
CA PRO D 14 -17.30 2.10 23.86
C PRO D 14 -17.30 2.99 25.09
N GLY D 15 -16.78 4.20 24.94
CA GLY D 15 -16.58 5.10 26.04
C GLY D 15 -15.32 4.87 26.85
N GLY D 16 -14.52 3.87 26.48
CA GLY D 16 -13.28 3.60 27.18
C GLY D 16 -12.15 4.48 26.68
N SER D 17 -11.01 4.36 27.35
CA SER D 17 -9.83 5.14 27.04
C SER D 17 -8.68 4.21 26.69
N LEU D 18 -7.83 4.64 25.77
CA LEU D 18 -6.67 3.86 25.35
C LEU D 18 -5.48 4.81 25.24
N ARG D 19 -4.29 4.25 25.32
CA ARG D 19 -3.07 5.07 25.22
C ARG D 19 -2.07 4.36 24.32
N LEU D 20 -2.00 4.79 23.07
CA LEU D 20 -1.06 4.24 22.12
C LEU D 20 0.28 4.95 22.25
N SER D 21 1.36 4.22 21.96
CA SER D 21 2.70 4.78 22.01
C SER D 21 3.46 4.38 20.75
N CYS D 22 4.48 5.16 20.43
CA CYS D 22 5.27 4.95 19.22
C CYS D 22 6.73 5.21 19.57
N ALA D 23 7.56 4.18 19.52
CA ALA D 23 8.98 4.30 19.83
C ALA D 23 9.78 4.48 18.55
N ALA D 24 10.66 5.47 18.55
CA ALA D 24 11.42 5.84 17.36
C ALA D 24 12.90 5.58 17.60
N SER D 25 13.54 4.90 16.65
CA SER D 25 14.98 4.68 16.68
C SER D 25 15.53 4.95 15.28
N GLY D 26 16.78 5.40 15.23
CA GLY D 26 17.36 5.81 13.97
C GLY D 26 16.89 7.15 13.47
N ILE D 27 16.18 7.91 14.31
CA ILE D 27 15.63 9.21 13.96
C ILE D 27 16.11 10.22 14.99
N ILE D 28 16.49 11.41 14.54
CA ILE D 28 16.91 12.46 15.47
C ILE D 28 15.80 12.78 16.45
N PHE D 29 14.57 12.92 15.95
CA PHE D 29 13.35 12.97 16.74
C PHE D 29 13.24 14.24 17.57
N LYS D 30 14.29 15.04 17.62
CA LYS D 30 14.20 16.36 18.22
C LYS D 30 13.85 17.43 17.19
N ILE D 31 13.98 17.09 15.90
CA ILE D 31 13.64 17.98 14.81
C ILE D 31 12.63 17.37 13.85
N ASN D 32 12.23 16.12 14.06
CA ASN D 32 11.25 15.45 13.23
C ASN D 32 9.87 15.58 13.85
N ASP D 33 8.87 15.88 13.03
CA ASP D 33 7.51 15.99 13.53
C ASP D 33 6.72 14.71 13.24
N MET D 34 5.76 14.43 14.12
CA MET D 34 5.11 13.13 14.18
C MET D 34 3.62 13.26 13.96
N GLY D 35 2.99 12.14 13.62
CA GLY D 35 1.55 12.11 13.43
C GLY D 35 1.01 10.71 13.47
N TRP D 36 -0.31 10.61 13.61
CA TRP D 36 -1.01 9.34 13.67
C TRP D 36 -2.07 9.29 12.57
N PHE D 37 -2.11 8.18 11.84
CA PHE D 37 -3.04 8.01 10.73
C PHE D 37 -3.84 6.73 10.91
N ARG D 38 -5.16 6.84 10.88
CA ARG D 38 -6.01 5.66 10.94
C ARG D 38 -6.35 5.18 9.54
N GLN D 39 -6.75 3.90 9.45
CA GLN D 39 -7.17 3.33 8.16
C GLN D 39 -8.11 2.17 8.45
N ALA D 40 -9.39 2.40 8.30
CA ALA D 40 -10.38 1.35 8.47
C ALA D 40 -10.64 0.67 7.13
N PRO D 41 -11.09 -0.59 7.13
CA PRO D 41 -11.42 -1.24 5.86
C PRO D 41 -12.57 -0.52 5.15
N GLY D 42 -12.45 -0.41 3.83
CA GLY D 42 -13.41 0.29 3.01
C GLY D 42 -13.12 1.77 2.83
N LYS D 43 -12.51 2.41 3.80
CA LYS D 43 -12.18 3.82 3.74
C LYS D 43 -10.71 3.99 3.34
N GLU D 44 -10.25 5.24 3.33
CA GLU D 44 -8.90 5.58 2.91
C GLU D 44 -8.13 6.15 4.10
N ARG D 45 -6.81 6.02 4.05
CA ARG D 45 -5.96 6.49 5.14
C ARG D 45 -6.15 7.99 5.36
N GLU D 46 -6.34 8.38 6.62
CA GLU D 46 -6.62 9.76 6.98
C GLU D 46 -5.86 10.09 8.25
N GLY D 47 -5.64 11.40 8.46
CA GLY D 47 -4.93 11.84 9.63
C GLY D 47 -5.84 11.96 10.84
N VAL D 48 -5.24 11.72 12.01
CA VAL D 48 -5.94 11.85 13.29
C VAL D 48 -5.38 13.01 14.11
N ALA D 49 -4.06 13.03 14.30
CA ALA D 49 -3.41 14.09 15.05
C ALA D 49 -1.97 14.20 14.59
N GLY D 50 -1.36 15.34 14.88
CA GLY D 50 0.01 15.59 14.50
C GLY D 50 0.66 16.65 15.34
N ILE D 51 1.92 16.44 15.72
CA ILE D 51 2.65 17.36 16.57
C ILE D 51 3.95 17.73 15.88
N THR D 52 4.34 19.00 16.00
CA THR D 52 5.53 19.52 15.36
C THR D 52 6.70 19.45 16.34
N SER D 53 7.83 20.06 15.98
CA SER D 53 8.98 20.07 16.87
C SER D 53 8.74 20.96 18.09
N GLY D 54 7.87 21.96 17.96
CA GLY D 54 7.56 22.87 19.04
C GLY D 54 6.39 22.45 19.90
N GLY D 55 5.82 21.28 19.67
CA GLY D 55 4.70 20.83 20.48
C GLY D 55 3.36 21.38 20.09
N ARG D 56 3.21 21.86 18.85
CA ARG D 56 1.93 22.38 18.39
C ARG D 56 1.02 21.24 17.97
N THR D 57 -0.17 21.19 18.55
CA THR D 57 -1.14 20.14 18.28
C THR D 57 -2.06 20.53 17.13
N ASN D 58 -2.32 19.58 16.24
CA ASN D 58 -3.09 19.81 15.02
C ASN D 58 -4.12 18.72 14.81
N TYR D 59 -4.93 18.45 15.84
CA TYR D 59 -5.95 17.40 15.78
C TYR D 59 -6.87 17.54 14.58
N ALA D 60 -7.46 16.45 14.15
CA ALA D 60 -8.37 16.45 13.00
C ALA D 60 -9.70 17.10 13.39
N ASP D 61 -10.64 17.07 12.46
CA ASP D 61 -11.92 17.76 12.67
C ASP D 61 -12.78 17.02 13.69
N SER D 62 -13.11 15.76 13.40
CA SER D 62 -13.93 14.96 14.32
C SER D 62 -13.06 14.17 15.29
N VAL D 63 -12.08 14.85 15.89
CA VAL D 63 -11.18 14.24 16.86
C VAL D 63 -11.04 15.20 18.04
N LYS D 64 -11.47 16.45 17.83
CA LYS D 64 -11.28 17.49 18.83
C LYS D 64 -11.95 17.14 20.15
N GLY D 65 -11.23 17.34 21.24
CA GLY D 65 -11.77 17.10 22.57
C GLY D 65 -11.79 15.66 23.01
N ARG D 66 -11.24 14.76 22.20
CA ARG D 66 -11.22 13.33 22.53
C ARG D 66 -9.82 12.74 22.51
N PHE D 67 -8.95 13.20 21.61
CA PHE D 67 -7.60 12.68 21.47
C PHE D 67 -6.61 13.75 21.90
N ILE D 68 -5.60 13.34 22.67
CA ILE D 68 -4.54 14.23 23.12
C ILE D 68 -3.20 13.59 22.78
N ILE D 69 -2.39 14.28 21.98
CA ILE D 69 -1.05 13.78 21.65
C ILE D 69 -0.03 14.44 22.56
N SER D 70 0.92 13.64 23.02
CA SER D 70 2.03 14.10 23.84
C SER D 70 3.31 13.53 23.24
N ARG D 71 4.44 14.09 23.66
CA ARG D 71 5.71 13.63 23.12
C ARG D 71 6.79 13.79 24.18
N ASP D 72 7.72 12.84 24.20
CA ASP D 72 8.87 12.92 25.08
C ASP D 72 10.14 12.99 24.24
N ASN D 73 11.13 13.70 24.75
CA ASN D 73 12.41 13.83 24.06
C ASN D 73 13.56 13.15 24.78
N VAL D 74 13.51 13.00 26.10
CA VAL D 74 14.53 12.24 26.80
C VAL D 74 14.51 10.79 26.36
N LYS D 75 13.33 10.18 26.36
CA LYS D 75 13.09 8.88 25.75
C LYS D 75 12.19 9.10 24.55
N ASN D 76 12.65 8.67 23.37
CA ASN D 76 11.99 9.03 22.11
C ASN D 76 10.68 8.28 21.99
N THR D 77 9.57 8.93 22.39
CA THR D 77 8.26 8.34 22.27
C THR D 77 7.23 9.42 21.94
N VAL D 78 6.18 9.00 21.24
CA VAL D 78 5.03 9.84 20.94
C VAL D 78 3.79 9.13 21.42
N TYR D 79 3.09 9.72 22.39
CA TYR D 79 1.91 9.12 22.98
C TYR D 79 0.64 9.72 22.39
N LEU D 80 -0.37 8.89 22.22
CA LEU D 80 -1.70 9.33 21.78
C LEU D 80 -2.73 8.76 22.75
N GLN D 81 -3.37 9.64 23.50
CA GLN D 81 -4.39 9.25 24.48
C GLN D 81 -5.76 9.46 23.86
N MET D 82 -6.53 8.38 23.76
CA MET D 82 -7.88 8.40 23.21
C MET D 82 -8.88 8.28 24.34
N ASN D 83 -9.86 9.18 24.37
CA ASN D 83 -10.91 9.18 25.37
C ASN D 83 -12.26 9.17 24.69
N SER D 84 -13.24 8.56 25.34
CA SER D 84 -14.61 8.46 24.84
C SER D 84 -14.63 7.84 23.44
N LEU D 85 -13.94 6.71 23.31
CA LEU D 85 -13.89 6.01 22.03
C LEU D 85 -15.26 5.48 21.66
N GLU D 86 -15.61 5.63 20.40
CA GLU D 86 -16.87 5.17 19.83
C GLU D 86 -16.61 4.08 18.79
N PRO D 87 -17.61 3.26 18.46
CA PRO D 87 -17.37 2.17 17.50
C PRO D 87 -16.89 2.60 16.13
N GLU D 88 -16.89 3.91 15.83
CA GLU D 88 -16.37 4.39 14.56
C GLU D 88 -14.85 4.54 14.56
N ASP D 89 -14.20 4.30 15.70
CA ASP D 89 -12.76 4.48 15.83
C ASP D 89 -11.95 3.23 15.55
N THR D 90 -12.60 2.10 15.24
CA THR D 90 -11.88 0.86 15.02
C THR D 90 -11.11 0.92 13.71
N ALA D 91 -9.80 0.77 13.79
CA ALA D 91 -8.92 0.88 12.62
C ALA D 91 -7.52 0.50 13.07
N VAL D 92 -6.59 0.47 12.12
CA VAL D 92 -5.19 0.24 12.42
C VAL D 92 -4.48 1.59 12.38
N TYR D 93 -3.83 1.94 13.49
CA TYR D 93 -3.22 3.26 13.64
C TYR D 93 -1.74 3.18 13.29
N TYR D 94 -1.30 4.10 12.45
CA TYR D 94 0.07 4.17 11.95
C TYR D 94 0.76 5.40 12.48
N CYS D 95 2.00 5.23 12.91
CA CYS D 95 2.82 6.33 13.40
C CYS D 95 3.71 6.79 12.26
N LYS D 96 3.53 8.03 11.82
CA LYS D 96 4.30 8.60 10.72
C LYS D 96 5.22 9.69 11.26
N SER D 97 6.46 9.71 10.76
CA SER D 97 7.45 10.65 11.25
C SER D 97 8.17 11.27 10.06
N ASP D 98 8.11 12.58 9.92
CA ASP D 98 8.80 13.25 8.83
C ASP D 98 9.72 14.34 9.35
N GLY D 99 10.91 14.39 8.79
CA GLY D 99 11.92 15.35 9.21
C GLY D 99 13.23 15.04 8.54
N LEU D 100 14.19 15.95 8.75
CA LEU D 100 15.48 15.82 8.08
C LEU D 100 16.20 14.56 8.54
N ILE D 101 16.82 13.87 7.59
CA ILE D 101 17.57 12.66 7.92
C ILE D 101 18.82 13.00 8.71
N SER D 102 19.44 14.13 8.44
CA SER D 102 20.62 14.58 9.18
C SER D 102 20.65 16.10 9.20
N TYR D 103 21.68 16.65 9.82
CA TYR D 103 21.84 18.10 9.89
C TYR D 103 22.39 18.71 8.61
N ALA D 104 22.83 17.89 7.65
CA ALA D 104 23.37 18.37 6.39
C ALA D 104 22.40 18.27 5.23
N ALA D 105 21.32 17.51 5.39
CA ALA D 105 20.36 17.33 4.30
C ALA D 105 19.43 18.54 4.19
N SER D 106 18.77 18.65 3.04
CA SER D 106 17.83 19.72 2.77
C SER D 106 16.39 19.26 2.70
N GLN D 107 16.11 18.22 1.93
CA GLN D 107 14.74 17.71 1.81
C GLN D 107 14.47 16.70 2.92
N LEU D 108 13.28 16.81 3.51
CA LEU D 108 12.92 15.95 4.63
C LEU D 108 12.60 14.53 4.18
N SER D 109 12.79 13.59 5.09
CA SER D 109 12.51 12.18 4.85
C SER D 109 11.37 11.71 5.74
N THR D 110 10.58 10.78 5.23
CA THR D 110 9.37 10.31 5.88
C THR D 110 9.47 8.81 6.14
N TYR D 111 9.11 8.40 7.35
CA TYR D 111 9.10 7.00 7.75
C TYR D 111 7.73 6.65 8.31
N TRP D 112 7.17 5.55 7.83
CA TRP D 112 5.89 5.06 8.31
C TRP D 112 6.10 4.02 9.41
N GLY D 113 5.00 3.44 9.88
CA GLY D 113 5.06 2.40 10.88
C GLY D 113 4.27 1.18 10.44
N LYS D 114 4.53 0.07 11.13
CA LYS D 114 3.78 -1.16 10.85
C LYS D 114 2.31 -0.98 11.14
N GLY D 115 1.99 -0.30 12.24
CA GLY D 115 0.62 -0.05 12.62
C GLY D 115 0.15 -0.99 13.70
N THR D 116 -0.73 -0.49 14.56
CA THR D 116 -1.30 -1.29 15.64
C THR D 116 -2.82 -1.32 15.50
N PRO D 117 -3.44 -2.49 15.50
CA PRO D 117 -4.89 -2.57 15.41
C PRO D 117 -5.56 -2.04 16.67
N VAL D 118 -6.74 -1.46 16.49
CA VAL D 118 -7.57 -0.99 17.59
C VAL D 118 -9.01 -1.33 17.24
N THR D 119 -9.62 -2.22 18.02
CA THR D 119 -11.00 -2.65 17.82
C THR D 119 -11.83 -2.23 19.02
N VAL D 120 -12.94 -1.55 18.76
CA VAL D 120 -13.84 -1.08 19.81
C VAL D 120 -15.20 -1.74 19.61
N SER D 121 -15.65 -2.50 20.59
CA SER D 121 -16.95 -3.15 20.57
C SER D 121 -17.16 -3.84 21.91
N SER D 122 -18.36 -4.37 22.11
CA SER D 122 -18.71 -5.06 23.34
C SER D 122 -17.96 -6.39 23.47
N VAL E 4 -35.93 -51.22 19.92
CA VAL E 4 -36.32 -50.63 18.65
C VAL E 4 -37.83 -50.83 18.44
N GLN E 5 -38.62 -50.17 19.27
CA GLN E 5 -40.07 -50.23 19.19
C GLN E 5 -40.65 -48.83 19.32
N LEU E 6 -41.71 -48.57 18.56
CA LEU E 6 -42.39 -47.28 18.58
C LEU E 6 -43.83 -47.47 19.01
N GLN E 7 -44.28 -46.66 19.95
CA GLN E 7 -45.65 -46.72 20.45
C GLN E 7 -46.26 -45.33 20.47
N GLU E 8 -47.43 -45.18 19.87
CA GLU E 8 -48.15 -43.92 19.88
C GLU E 8 -49.03 -43.82 21.11
N SER E 9 -49.29 -42.58 21.53
CA SER E 9 -50.20 -42.33 22.64
C SER E 9 -50.86 -40.98 22.45
N GLY E 10 -52.08 -40.85 22.97
CA GLY E 10 -52.84 -39.63 22.82
C GLY E 10 -53.72 -39.64 21.59
N GLY E 11 -54.88 -39.00 21.69
CA GLY E 11 -55.80 -38.95 20.56
C GLY E 11 -57.20 -39.41 20.90
N GLY E 12 -57.71 -40.38 20.14
CA GLY E 12 -59.05 -40.87 20.38
C GLY E 12 -60.11 -39.94 19.79
N LEU E 13 -61.25 -39.88 20.47
CA LEU E 13 -62.37 -39.06 20.02
C LEU E 13 -62.23 -37.65 20.60
N VAL E 14 -62.58 -36.65 19.78
CA VAL E 14 -62.50 -35.26 20.21
C VAL E 14 -63.54 -34.46 19.43
N GLN E 15 -64.03 -33.39 20.04
CA GLN E 15 -65.02 -32.53 19.41
C GLN E 15 -64.34 -31.60 18.39
N PRO E 16 -65.10 -31.11 17.42
CA PRO E 16 -64.53 -30.18 16.44
C PRO E 16 -64.03 -28.90 17.10
N GLY E 17 -62.92 -28.39 16.58
CA GLY E 17 -62.34 -27.17 17.10
C GLY E 17 -61.57 -27.32 18.40
N GLY E 18 -61.33 -28.55 18.84
CA GLY E 18 -60.64 -28.79 20.09
C GLY E 18 -59.14 -28.78 19.93
N SER E 19 -58.46 -29.29 20.95
CA SER E 19 -57.01 -29.38 20.98
C SER E 19 -56.59 -30.76 21.44
N LEU E 20 -55.47 -31.23 20.92
CA LEU E 20 -54.96 -32.55 21.28
C LEU E 20 -53.45 -32.55 21.19
N ARG E 21 -52.83 -33.50 21.90
CA ARG E 21 -51.39 -33.68 21.88
C ARG E 21 -51.08 -35.17 21.77
N LEU E 22 -50.35 -35.54 20.72
CA LEU E 22 -49.91 -36.91 20.52
C LEU E 22 -48.45 -37.04 20.92
N SER E 23 -48.09 -38.21 21.43
CA SER E 23 -46.72 -38.48 21.85
C SER E 23 -46.26 -39.82 21.29
N CYS E 24 -44.98 -39.91 20.99
CA CYS E 24 -44.39 -41.15 20.51
C CYS E 24 -43.31 -41.61 21.48
N ALA E 25 -43.37 -42.89 21.88
CA ALA E 25 -42.37 -43.50 22.74
C ALA E 25 -41.50 -44.43 21.92
N ALA E 26 -40.19 -44.24 22.01
CA ALA E 26 -39.21 -45.04 21.27
C ALA E 26 -38.33 -45.80 22.25
N SER E 27 -38.17 -47.10 22.01
CA SER E 27 -37.37 -47.96 22.87
C SER E 27 -36.27 -48.63 22.07
N GLY E 28 -35.08 -48.68 22.65
CA GLY E 28 -33.95 -49.36 22.06
C GLY E 28 -33.05 -48.50 21.20
N ARG E 29 -33.46 -47.28 20.86
CA ARG E 29 -32.66 -46.40 20.03
C ARG E 29 -32.74 -44.98 20.58
N THR E 30 -31.73 -44.18 20.24
CA THR E 30 -31.67 -42.78 20.64
C THR E 30 -32.04 -41.90 19.45
N ILE E 31 -33.01 -41.00 19.67
CA ILE E 31 -33.51 -40.15 18.60
C ILE E 31 -32.72 -38.86 18.53
N SER E 32 -31.62 -38.79 19.29
CA SER E 32 -30.80 -37.58 19.28
C SER E 32 -30.18 -37.34 17.91
N ARG E 33 -29.72 -38.39 17.25
CA ARG E 33 -28.99 -38.28 16.00
C ARG E 33 -29.90 -38.38 14.76
N TYR E 34 -31.17 -38.73 14.93
CA TYR E 34 -32.07 -38.97 13.81
C TYR E 34 -33.16 -37.91 13.78
N ALA E 35 -34.03 -38.02 12.78
CA ALA E 35 -35.18 -37.13 12.65
C ALA E 35 -36.47 -37.93 12.83
N MET E 36 -37.58 -37.23 13.08
CA MET E 36 -38.83 -37.95 13.31
C MET E 36 -39.98 -37.25 12.61
N SER E 37 -40.86 -38.04 12.00
CA SER E 37 -41.97 -37.49 11.22
C SER E 37 -43.28 -38.14 11.63
N TRP E 38 -44.37 -37.46 11.30
CA TRP E 38 -45.73 -37.94 11.56
C TRP E 38 -46.50 -37.98 10.25
N PHE E 39 -47.19 -39.09 10.00
CA PHE E 39 -48.04 -39.30 8.85
C PHE E 39 -49.43 -39.69 9.34
N ARG E 40 -50.42 -39.62 8.44
CA ARG E 40 -51.77 -40.04 8.77
C ARG E 40 -52.35 -40.84 7.63
N GLN E 41 -53.28 -41.73 7.96
CA GLN E 41 -53.97 -42.55 6.97
C GLN E 41 -55.44 -42.61 7.33
N ALA E 42 -56.29 -42.12 6.43
CA ALA E 42 -57.73 -42.21 6.64
C ALA E 42 -58.21 -43.62 6.33
N PRO E 43 -59.31 -44.07 6.96
CA PRO E 43 -59.83 -45.40 6.67
C PRO E 43 -60.19 -45.54 5.20
N GLY E 44 -59.80 -46.67 4.61
CA GLY E 44 -60.01 -46.89 3.19
C GLY E 44 -59.25 -45.94 2.30
N LYS E 45 -58.20 -45.31 2.81
CA LYS E 45 -57.44 -44.33 2.04
C LYS E 45 -55.94 -44.63 2.10
N GLU E 46 -55.13 -43.72 1.57
CA GLU E 46 -53.69 -43.89 1.52
C GLU E 46 -53.02 -43.20 2.70
N ARG E 47 -51.70 -43.33 2.78
CA ARG E 47 -50.90 -42.71 3.83
C ARG E 47 -50.21 -41.49 3.25
N GLU E 48 -50.44 -40.33 3.87
CA GLU E 48 -49.93 -39.07 3.39
C GLU E 48 -49.09 -38.38 4.46
N PHE E 49 -48.24 -37.46 4.01
CA PHE E 49 -47.35 -36.74 4.90
C PHE E 49 -48.13 -35.74 5.75
N VAL E 50 -47.69 -35.57 7.00
CA VAL E 50 -48.31 -34.60 7.90
C VAL E 50 -47.26 -33.59 8.37
N ALA E 51 -46.21 -34.08 9.03
CA ALA E 51 -45.20 -33.15 9.55
C ALA E 51 -43.89 -33.88 9.74
N VAL E 52 -42.82 -33.10 9.90
CA VAL E 52 -41.49 -33.66 10.19
C VAL E 52 -40.74 -32.68 11.08
N ALA E 53 -40.00 -33.22 12.04
CA ALA E 53 -39.10 -32.46 12.91
C ALA E 53 -37.71 -33.07 12.80
N ARG E 54 -36.76 -32.25 12.40
CA ARG E 54 -35.39 -32.69 12.18
C ARG E 54 -34.60 -32.56 13.48
N ARG E 55 -33.28 -32.72 13.40
CA ARG E 55 -32.45 -32.57 14.58
C ARG E 55 -32.49 -31.13 15.10
N SER E 56 -31.93 -30.94 16.28
CA SER E 56 -31.95 -29.62 16.91
C SER E 56 -31.22 -28.61 16.04
N GLY E 57 -31.84 -27.45 15.83
CA GLY E 57 -31.26 -26.40 15.01
C GLY E 57 -31.52 -26.52 13.52
N ASP E 58 -32.35 -27.47 13.09
CA ASP E 58 -32.68 -27.61 11.68
C ASP E 58 -34.09 -27.22 11.33
N GLY E 59 -34.98 -27.08 12.31
CA GLY E 59 -36.34 -26.63 12.06
C GLY E 59 -37.30 -27.77 11.80
N ALA E 60 -38.56 -27.39 11.63
CA ALA E 60 -39.65 -28.34 11.39
C ALA E 60 -40.38 -27.95 10.11
N PHE E 61 -40.83 -28.95 9.38
CA PHE E 61 -41.51 -28.74 8.11
C PHE E 61 -42.90 -29.37 8.15
N TYR E 62 -43.87 -28.70 7.56
CA TYR E 62 -45.25 -29.12 7.61
C TYR E 62 -45.82 -29.19 6.19
N ALA E 63 -46.87 -29.99 6.04
CA ALA E 63 -47.56 -30.12 4.77
C ALA E 63 -48.49 -28.94 4.53
N ASP E 64 -48.88 -28.76 3.27
CA ASP E 64 -49.76 -27.65 2.90
C ASP E 64 -51.13 -27.78 3.55
N SER E 65 -51.69 -28.99 3.55
CA SER E 65 -53.05 -29.17 4.03
C SER E 65 -53.19 -28.84 5.52
N VAL E 66 -52.19 -29.20 6.31
CA VAL E 66 -52.27 -29.07 7.76
C VAL E 66 -51.25 -28.08 8.27
N GLN E 67 -50.93 -27.07 7.45
CA GLN E 67 -49.99 -26.04 7.87
C GLN E 67 -50.64 -25.11 8.89
N GLY E 68 -49.87 -24.73 9.90
CA GLY E 68 -50.32 -23.80 10.92
C GLY E 68 -51.06 -24.41 12.09
N ARG E 69 -52.08 -25.22 11.80
CA ARG E 69 -52.88 -25.85 12.85
C ARG E 69 -52.10 -26.91 13.62
N PHE E 70 -50.95 -27.35 13.11
CA PHE E 70 -50.19 -28.44 13.70
C PHE E 70 -48.78 -27.96 14.02
N THR E 71 -48.22 -28.46 15.11
CA THR E 71 -46.85 -28.14 15.49
C THR E 71 -46.20 -29.38 16.10
N VAL E 72 -44.90 -29.54 15.87
CA VAL E 72 -44.17 -30.72 16.32
C VAL E 72 -42.96 -30.27 17.14
N SER E 73 -42.67 -31.03 18.20
CA SER E 73 -41.53 -30.75 19.06
C SER E 73 -40.87 -32.06 19.46
N ARG E 74 -39.59 -31.97 19.82
CA ARG E 74 -38.79 -33.14 20.18
C ARG E 74 -38.34 -33.05 21.64
N ASP E 75 -38.04 -34.23 22.21
CA ASP E 75 -37.49 -34.30 23.56
C ASP E 75 -36.53 -35.49 23.58
N ASP E 76 -35.23 -35.20 23.46
CA ASP E 76 -34.24 -36.26 23.45
C ASP E 76 -34.01 -36.82 24.85
N ALA E 77 -34.28 -36.04 25.90
CA ALA E 77 -34.15 -36.55 27.26
C ALA E 77 -35.15 -37.68 27.51
N LYS E 78 -36.38 -37.53 27.01
CA LYS E 78 -37.41 -38.55 27.14
C LYS E 78 -37.54 -39.42 25.90
N ASN E 79 -36.75 -39.15 24.85
CA ASN E 79 -36.84 -39.89 23.59
C ASN E 79 -38.26 -39.89 23.04
N THR E 80 -38.92 -38.73 23.12
CA THR E 80 -40.33 -38.62 22.78
C THR E 80 -40.56 -37.42 21.88
N VAL E 81 -41.32 -37.62 20.81
CA VAL E 81 -41.75 -36.52 19.94
C VAL E 81 -43.21 -36.24 20.23
N TYR E 82 -43.54 -34.95 20.33
CA TYR E 82 -44.87 -34.46 20.65
C TYR E 82 -45.44 -33.71 19.46
N LEU E 83 -46.75 -33.83 19.27
CA LEU E 83 -47.47 -33.17 18.19
C LEU E 83 -48.69 -32.48 18.79
N GLN E 84 -48.69 -31.14 18.75
CA GLN E 84 -49.81 -30.34 19.20
C GLN E 84 -50.70 -30.01 18.01
N MET E 85 -51.96 -30.42 18.08
CA MET E 85 -52.94 -30.20 17.03
CA MET E 85 -52.94 -30.21 17.03
C MET E 85 -54.07 -29.35 17.56
N ASN E 86 -54.40 -28.29 16.82
CA ASN E 86 -55.48 -27.38 17.19
C ASN E 86 -56.36 -27.14 15.98
N SER E 87 -57.59 -26.70 16.24
CA SER E 87 -58.61 -26.51 15.21
C SER E 87 -58.88 -27.81 14.46
N LEU E 88 -59.08 -28.88 15.22
CA LEU E 88 -59.33 -30.19 14.63
C LEU E 88 -60.65 -30.19 13.87
N LYS E 89 -60.71 -30.97 12.80
CA LYS E 89 -61.84 -31.06 11.91
C LYS E 89 -62.18 -32.52 11.65
N PRO E 90 -63.43 -32.83 11.30
CA PRO E 90 -63.79 -34.23 11.03
C PRO E 90 -62.98 -34.87 9.92
N GLU E 91 -62.49 -34.08 8.97
CA GLU E 91 -61.66 -34.63 7.88
C GLU E 91 -60.35 -35.20 8.39
N ASP E 92 -59.89 -34.76 9.56
CA ASP E 92 -58.63 -35.26 10.12
C ASP E 92 -58.79 -36.62 10.79
N THR E 93 -60.02 -37.14 10.87
CA THR E 93 -60.25 -38.47 11.44
C THR E 93 -59.43 -39.52 10.68
N ALA E 94 -58.42 -40.08 11.33
CA ALA E 94 -57.50 -41.00 10.67
C ALA E 94 -56.61 -41.64 11.72
N VAL E 95 -55.85 -42.64 11.30
CA VAL E 95 -54.85 -43.27 12.14
C VAL E 95 -53.51 -42.59 11.86
N TYR E 96 -52.91 -42.04 12.91
CA TYR E 96 -51.65 -41.33 12.80
C TYR E 96 -50.51 -42.27 13.16
N TYR E 97 -49.49 -42.30 12.30
CA TYR E 97 -48.32 -43.16 12.46
C TYR E 97 -47.07 -42.31 12.55
N CYS E 98 -46.24 -42.60 13.56
CA CYS E 98 -44.95 -41.95 13.68
CA CYS E 98 -44.94 -41.95 13.68
C CYS E 98 -43.89 -42.75 12.93
N ALA E 99 -42.84 -42.06 12.51
CA ALA E 99 -41.75 -42.70 11.79
C ALA E 99 -40.45 -42.03 12.17
N ILE E 100 -39.35 -42.78 12.05
CA ILE E 100 -38.03 -42.30 12.42
C ILE E 100 -37.14 -42.34 11.19
N ASP E 101 -36.68 -41.18 10.75
CA ASP E 101 -35.70 -41.08 9.67
C ASP E 101 -34.31 -41.26 10.27
N SER E 102 -33.73 -42.44 10.04
CA SER E 102 -32.43 -42.80 10.61
C SER E 102 -31.27 -42.36 9.75
N ASP E 103 -31.51 -41.95 8.51
CA ASP E 103 -30.43 -41.49 7.66
C ASP E 103 -29.85 -40.20 8.19
N THR E 104 -28.52 -40.12 8.26
CA THR E 104 -27.86 -38.95 8.83
C THR E 104 -28.13 -37.71 8.00
N PHE E 105 -28.10 -37.84 6.67
CA PHE E 105 -28.29 -36.71 5.77
C PHE E 105 -29.75 -36.47 5.43
N TYR E 106 -30.67 -37.10 6.15
CA TYR E 106 -32.11 -36.88 6.00
C TYR E 106 -32.61 -37.26 4.62
N SER E 107 -31.94 -38.21 3.95
CA SER E 107 -32.39 -38.64 2.63
C SER E 107 -33.70 -39.41 2.68
N GLY E 108 -34.15 -39.82 3.87
CA GLY E 108 -35.42 -40.51 4.00
C GLY E 108 -35.29 -42.00 4.24
N SER E 109 -35.48 -42.43 5.49
CA SER E 109 -35.42 -43.85 5.82
C SER E 109 -36.77 -44.39 6.27
N TYR E 110 -37.36 -43.81 7.32
CA TYR E 110 -38.62 -44.29 7.88
C TYR E 110 -38.58 -45.80 8.12
N ASP E 111 -37.44 -46.27 8.65
CA ASP E 111 -37.21 -47.70 8.78
C ASP E 111 -38.16 -48.36 9.77
N TYR E 112 -38.64 -47.61 10.75
CA TYR E 112 -39.55 -48.14 11.76
C TYR E 112 -40.72 -47.20 11.96
N TRP E 113 -41.92 -47.77 12.03
CA TRP E 113 -43.15 -47.04 12.26
C TRP E 113 -43.77 -47.48 13.58
N GLY E 114 -44.83 -46.78 13.99
CA GLY E 114 -45.60 -47.13 15.16
C GLY E 114 -46.88 -47.84 14.79
N GLN E 115 -47.57 -48.36 15.82
CA GLN E 115 -48.82 -49.06 15.59
C GLN E 115 -49.94 -48.11 15.16
N GLY E 116 -49.76 -46.81 15.36
CA GLY E 116 -50.76 -45.83 14.99
C GLY E 116 -51.72 -45.51 16.13
N THR E 117 -52.39 -44.37 15.98
CA THR E 117 -53.41 -43.95 16.94
C THR E 117 -54.55 -43.27 16.19
N GLN E 118 -55.77 -43.71 16.47
CA GLN E 118 -56.94 -43.17 15.77
C GLN E 118 -57.37 -41.86 16.41
N VAL E 119 -57.42 -40.80 15.62
CA VAL E 119 -57.95 -39.51 16.05
C VAL E 119 -59.21 -39.24 15.23
N THR E 120 -60.35 -39.16 15.90
CA THR E 120 -61.63 -38.96 15.27
C THR E 120 -62.25 -37.67 15.79
N VAL E 121 -62.86 -36.91 14.87
CA VAL E 121 -63.52 -35.65 15.19
C VAL E 121 -64.98 -35.76 14.76
N SER E 122 -65.89 -35.56 15.72
CA SER E 122 -67.31 -35.63 15.44
C SER E 122 -68.07 -34.92 16.55
N SER E 123 -68.92 -33.98 16.18
CA SER E 123 -69.69 -33.21 17.15
C SER E 123 -70.77 -34.07 17.80
#